data_8QA6
#
_entry.id   8QA6
#
_cell.length_a   1.00
_cell.length_b   1.00
_cell.length_c   1.00
_cell.angle_alpha   90.00
_cell.angle_beta   90.00
_cell.angle_gamma   90.00
#
_symmetry.space_group_name_H-M   'P 1'
#
loop_
_entity.id
_entity.type
_entity.pdbx_description
1 polymer 'Methylenetetrahydrofolate reductase (NADPH)'
2 non-polymer S-ADENOSYLMETHIONINE
3 non-polymer 'FLAVIN-ADENINE DINUCLEOTIDE'
#
_entity_poly.entity_id   1
_entity_poly.type   'polypeptide(L)'
_entity_poly.pdbx_seq_one_letter_code
;MVNEARGNSSLNPCLEGSASSGSESSKDSSRCSTPGLDPERHERLREKMRRRLESGDKWFSLEFFPPRTAEGAVNLISRF
DRMAAGGPLYIDVTWHPAGDPGSDKETSSMMIASTAVNYCGLETILHMTCCRQRLEEITGHLHKAKQLGLKNIMALRGDP
IGDQWEEEEGGFNYAVDLVKHIRSEFGDYFDICVAGYPKGHPEAGSFEADLKHLKEKVSAGADFIITQLFFEADTFFRFV
KACTDMGITCPIVPGIFPIQGYHSLRQLVKLSKLEVPQEIKDVIEPIKDNDAAIRNYGIELAVSLCQELLASGLVPGLHF
YTLNREMATTEVLKRLGMWTEDPRRPLPWALSAHPKRREEDVRPIFWASRPKSYIYRTQEWDEFPNGRWGNSSSPAFGEL
KDYYLFYLKSKSPKEELLKMWGEELTSEASVFEVFVLYLSGEPNRNGHKVTCLPWNDEPLAAETSLLKEELLRVNRQGIL
TINSQPNINGKPSSDPIVGWGPSGGYVFQKAYLEFFTSRETAEALLQVLKKYELRVNYHLVNVKGENITNAPELQPNAVT
WGIFPGREIIQPTVVDPVSFMFWKDEAFALWIEQWGKLYEEESPSRTIIQYIHDNYFLVNLVDNDFPLDNCLWQVVEDTL
ELLNRPTQNARETEAPAENLYFQ
;
_entity_poly.pdbx_strand_id   A,B
#
# COMPACT_ATOMS: atom_id res chain seq x y z
N ARG A 44 -36.64 2.57 13.14
CA ARG A 44 -36.80 1.58 12.03
C ARG A 44 -36.34 2.20 10.71
N LEU A 45 -35.97 1.35 9.75
CA LEU A 45 -35.51 1.84 8.46
C LEU A 45 -36.64 2.53 7.69
N ARG A 46 -37.78 1.86 7.57
CA ARG A 46 -38.91 2.46 6.85
C ARG A 46 -39.26 3.80 7.47
N GLU A 47 -39.25 3.89 8.79
CA GLU A 47 -39.62 5.12 9.48
C GLU A 47 -38.73 6.27 9.03
N LYS A 48 -37.41 6.12 9.21
CA LYS A 48 -36.49 7.18 8.79
C LYS A 48 -36.63 7.50 7.30
N MET A 49 -36.80 6.49 6.45
CA MET A 49 -36.98 6.78 5.03
C MET A 49 -38.21 7.65 4.79
N ARG A 50 -39.29 7.42 5.53
CA ARG A 50 -40.48 8.22 5.33
C ARG A 50 -40.34 9.60 5.96
N ARG A 51 -39.62 9.71 7.08
CA ARG A 51 -39.35 10.98 7.72
C ARG A 51 -38.28 11.76 6.98
N ARG A 52 -37.68 11.15 5.96
CA ARG A 52 -36.78 11.81 5.03
C ARG A 52 -37.52 12.25 3.78
N LEU A 53 -38.38 11.37 3.26
CA LEU A 53 -39.19 11.72 2.09
C LEU A 53 -40.11 12.89 2.40
N GLU A 54 -40.77 12.85 3.55
CA GLU A 54 -41.72 13.92 3.88
C GLU A 54 -41.00 15.26 4.07
N SER A 55 -39.72 15.25 4.44
CA SER A 55 -38.95 16.47 4.55
C SER A 55 -38.33 16.91 3.23
N GLY A 56 -38.41 16.10 2.19
CA GLY A 56 -37.77 16.39 0.93
C GLY A 56 -36.28 16.11 0.88
N ASP A 57 -35.74 15.41 1.88
CA ASP A 57 -34.33 15.05 1.86
C ASP A 57 -34.09 13.93 0.84
N LYS A 58 -32.97 14.02 0.13
CA LYS A 58 -32.52 12.97 -0.77
C LYS A 58 -31.34 12.24 -0.15
N TRP A 59 -31.34 10.91 -0.28
CA TRP A 59 -30.35 10.04 0.34
C TRP A 59 -29.80 9.06 -0.69
N PHE A 60 -28.70 8.41 -0.33
CA PHE A 60 -28.06 7.41 -1.18
C PHE A 60 -27.68 6.20 -0.35
N SER A 61 -27.53 5.06 -1.02
CA SER A 61 -27.19 3.80 -0.38
C SER A 61 -26.12 3.09 -1.20
N LEU A 62 -25.37 2.21 -0.53
CA LEU A 62 -24.20 1.56 -1.10
C LEU A 62 -24.33 0.05 -0.93
N GLU A 63 -24.03 -0.68 -2.00
CA GLU A 63 -24.12 -2.15 -2.01
C GLU A 63 -22.72 -2.75 -2.15
N PHE A 64 -22.37 -3.64 -1.23
CA PHE A 64 -21.10 -4.33 -1.23
C PHE A 64 -21.31 -5.84 -1.26
N PHE A 65 -20.28 -6.57 -1.69
CA PHE A 65 -20.31 -8.02 -1.70
C PHE A 65 -19.21 -8.60 -0.82
N PRO A 66 -19.46 -9.72 -0.15
CA PRO A 66 -18.44 -10.32 0.74
C PRO A 66 -17.13 -10.53 0.00
N PRO A 67 -16.02 -9.95 0.49
CA PRO A 67 -14.71 -10.21 -0.13
C PRO A 67 -14.34 -11.68 -0.03
N ARG A 68 -13.61 -12.15 -1.05
CA ARG A 68 -13.19 -13.54 -1.11
C ARG A 68 -12.16 -13.89 -0.04
N THR A 69 -11.53 -12.92 0.60
CA THR A 69 -10.38 -13.19 1.46
C THR A 69 -10.45 -12.34 2.72
N ALA A 70 -9.83 -12.86 3.79
CA ALA A 70 -9.96 -12.26 5.11
C ALA A 70 -9.45 -10.83 5.14
N GLU A 71 -8.19 -10.62 4.74
CA GLU A 71 -7.69 -9.26 4.64
C GLU A 71 -8.56 -8.42 3.72
N GLY A 72 -9.21 -9.06 2.76
CA GLY A 72 -10.25 -8.39 2.01
C GLY A 72 -11.38 -7.91 2.90
N ALA A 73 -11.78 -8.74 3.87
CA ALA A 73 -12.81 -8.32 4.82
C ALA A 73 -12.34 -7.14 5.67
N VAL A 74 -11.08 -7.17 6.13
CA VAL A 74 -10.56 -6.06 6.92
C VAL A 74 -10.58 -4.77 6.10
N ASN A 75 -10.10 -4.84 4.86
CA ASN A 75 -10.10 -3.67 4.00
C ASN A 75 -11.52 -3.20 3.70
N LEU A 76 -12.44 -4.14 3.54
CA LEU A 76 -13.85 -3.77 3.38
C LEU A 76 -14.36 -2.98 4.58
N ILE A 77 -14.03 -3.44 5.79
CA ILE A 77 -14.46 -2.72 6.99
C ILE A 77 -13.87 -1.31 7.00
N SER A 78 -12.61 -1.19 6.60
CA SER A 78 -12.00 0.13 6.48
C SER A 78 -12.77 0.99 5.48
N ARG A 79 -13.11 0.43 4.33
CA ARG A 79 -13.93 1.13 3.35
C ARG A 79 -15.25 1.57 3.95
N PHE A 80 -15.90 0.69 4.70
CA PHE A 80 -17.15 1.06 5.38
C PHE A 80 -16.95 2.29 6.24
N ASP A 81 -15.93 2.25 7.10
CA ASP A 81 -15.65 3.38 7.99
C ASP A 81 -15.45 4.67 7.20
N ARG A 82 -14.65 4.59 6.14
CA ARG A 82 -14.31 5.80 5.38
C ARG A 82 -15.52 6.33 4.60
N MET A 83 -16.30 5.44 3.98
CA MET A 83 -17.47 5.86 3.22
C MET A 83 -18.57 6.40 4.12
N ALA A 84 -18.66 5.91 5.36
CA ALA A 84 -19.71 6.36 6.25
C ALA A 84 -19.69 7.87 6.46
N ALA A 85 -18.53 8.50 6.28
CA ALA A 85 -18.45 9.95 6.41
C ALA A 85 -19.31 10.67 5.37
N GLY A 86 -19.65 9.99 4.26
CA GLY A 86 -20.62 10.54 3.33
C GLY A 86 -22.03 10.57 3.88
N GLY A 87 -22.33 9.74 4.87
CA GLY A 87 -23.66 9.64 5.42
C GLY A 87 -24.64 8.89 4.54
N PRO A 88 -24.28 7.67 4.13
CA PRO A 88 -25.27 6.82 3.46
C PRO A 88 -26.40 6.44 4.39
N LEU A 89 -27.61 6.38 3.85
CA LEU A 89 -28.76 5.97 4.66
C LEU A 89 -28.57 4.53 5.13
N TYR A 90 -28.27 3.62 4.22
CA TYR A 90 -27.98 2.24 4.56
C TYR A 90 -27.02 1.64 3.54
N ILE A 91 -26.20 0.70 4.01
CA ILE A 91 -25.46 -0.19 3.15
C ILE A 91 -26.17 -1.53 3.13
N ASP A 92 -25.95 -2.32 2.07
CA ASP A 92 -26.38 -3.71 2.04
C ASP A 92 -25.27 -4.61 1.54
N VAL A 93 -25.26 -5.84 2.03
CA VAL A 93 -24.24 -6.82 1.72
C VAL A 93 -24.88 -7.90 0.87
N THR A 94 -24.36 -8.10 -0.34
CA THR A 94 -24.88 -9.12 -1.24
C THR A 94 -24.81 -10.50 -0.58
N TRP A 95 -25.78 -11.34 -0.92
CA TRP A 95 -25.88 -12.71 -0.43
C TRP A 95 -25.66 -13.63 -1.62
N HIS A 96 -24.44 -14.18 -1.73
CA HIS A 96 -24.09 -15.02 -2.85
C HIS A 96 -24.22 -16.48 -2.44
N PRO A 97 -25.20 -17.23 -2.95
CA PRO A 97 -25.33 -18.65 -2.58
C PRO A 97 -24.08 -19.47 -2.77
N ALA A 98 -23.26 -19.17 -3.78
CA ALA A 98 -22.13 -20.03 -4.10
C ALA A 98 -21.18 -20.18 -2.92
N GLY A 99 -20.80 -19.08 -2.30
CA GLY A 99 -19.79 -19.14 -1.25
C GLY A 99 -20.38 -19.27 0.14
N ASP A 100 -21.10 -20.37 0.38
CA ASP A 100 -21.73 -20.70 1.65
C ASP A 100 -22.08 -19.45 2.44
N PRO A 101 -23.00 -18.62 1.95
CA PRO A 101 -23.19 -17.29 2.57
C PRO A 101 -23.59 -17.38 4.03
N GLY A 102 -24.36 -18.38 4.42
CA GLY A 102 -24.83 -18.49 5.80
C GLY A 102 -23.86 -19.25 6.68
N SER A 103 -22.57 -19.03 6.50
CA SER A 103 -21.54 -19.71 7.27
C SER A 103 -21.07 -18.80 8.40
N ASP A 104 -19.95 -19.15 9.02
CA ASP A 104 -19.45 -18.41 10.17
C ASP A 104 -18.02 -17.90 9.97
N LYS A 105 -17.45 -18.09 8.77
CA LYS A 105 -16.14 -17.54 8.49
C LYS A 105 -16.21 -16.02 8.37
N GLU A 106 -15.03 -15.40 8.27
CA GLU A 106 -14.96 -13.94 8.13
C GLU A 106 -15.35 -13.45 6.75
N THR A 107 -15.51 -14.36 5.78
CA THR A 107 -15.99 -13.99 4.46
C THR A 107 -17.50 -14.02 4.33
N SER A 108 -18.19 -14.73 5.21
CA SER A 108 -19.64 -14.88 5.10
C SER A 108 -20.33 -13.52 5.07
N SER A 109 -21.26 -13.37 4.12
CA SER A 109 -22.03 -12.13 4.04
C SER A 109 -22.71 -11.81 5.36
N MET A 110 -23.31 -12.81 5.99
CA MET A 110 -23.89 -12.65 7.32
C MET A 110 -22.98 -11.85 8.25
N MET A 111 -21.75 -12.34 8.44
CA MET A 111 -20.83 -11.70 9.38
C MET A 111 -20.32 -10.35 8.86
N ILE A 112 -20.18 -10.18 7.55
CA ILE A 112 -19.83 -8.85 7.04
C ILE A 112 -20.91 -7.85 7.47
N ALA A 113 -22.18 -8.20 7.24
CA ALA A 113 -23.27 -7.35 7.67
C ALA A 113 -23.25 -7.13 9.18
N SER A 114 -23.03 -8.20 9.94
CA SER A 114 -23.03 -8.08 11.40
C SER A 114 -21.95 -7.12 11.87
N THR A 115 -20.75 -7.21 11.28
CA THR A 115 -19.68 -6.29 11.65
C THR A 115 -20.02 -4.87 11.24
N ALA A 116 -20.64 -4.70 10.07
CA ALA A 116 -21.02 -3.36 9.64
C ALA A 116 -22.04 -2.73 10.58
N VAL A 117 -23.02 -3.52 11.06
CA VAL A 117 -24.06 -2.95 11.89
C VAL A 117 -23.58 -2.76 13.33
N ASN A 118 -22.83 -3.72 13.86
CA ASN A 118 -22.35 -3.62 15.24
C ASN A 118 -21.16 -2.66 15.35
N TYR A 119 -20.06 -2.99 14.68
CA TYR A 119 -18.83 -2.23 14.86
C TYR A 119 -18.94 -0.87 14.16
N CYS A 120 -19.41 -0.86 12.91
CA CYS A 120 -19.46 0.38 12.15
C CYS A 120 -20.71 1.20 12.44
N GLY A 121 -21.79 0.55 12.90
CA GLY A 121 -23.04 1.24 13.15
C GLY A 121 -23.87 1.57 11.93
N LEU A 122 -23.47 1.15 10.74
CA LEU A 122 -24.19 1.49 9.53
C LEU A 122 -25.39 0.55 9.34
N GLU A 123 -26.54 1.14 9.00
CA GLU A 123 -27.72 0.35 8.68
C GLU A 123 -27.40 -0.65 7.59
N THR A 124 -27.66 -1.93 7.86
CA THR A 124 -27.24 -3.01 6.97
C THR A 124 -28.42 -3.90 6.63
N ILE A 125 -28.68 -4.10 5.34
CA ILE A 125 -29.68 -5.03 4.85
C ILE A 125 -28.97 -6.28 4.35
N LEU A 126 -29.34 -7.43 4.91
CA LEU A 126 -28.81 -8.72 4.46
C LEU A 126 -29.73 -9.29 3.38
N HIS A 127 -29.18 -9.51 2.18
CA HIS A 127 -29.91 -10.16 1.10
C HIS A 127 -30.16 -11.64 1.42
N MET A 128 -31.28 -12.17 0.90
CA MET A 128 -31.63 -13.56 1.08
C MET A 128 -32.09 -14.18 -0.23
N THR A 129 -31.79 -15.47 -0.39
CA THR A 129 -32.20 -16.25 -1.57
C THR A 129 -32.94 -17.50 -1.13
N CYS A 130 -33.72 -18.06 -2.06
CA CYS A 130 -34.58 -19.23 -1.80
C CYS A 130 -34.16 -20.49 -2.54
N CYS A 131 -33.76 -20.37 -3.81
CA CYS A 131 -33.43 -21.53 -4.64
C CYS A 131 -32.73 -22.65 -3.88
N ARG A 132 -33.34 -23.82 -3.89
CA ARG A 132 -32.75 -25.05 -3.36
C ARG A 132 -32.30 -24.89 -1.91
N GLN A 133 -33.15 -24.25 -1.10
CA GLN A 133 -32.90 -24.11 0.32
C GLN A 133 -34.07 -24.68 1.11
N ARG A 134 -33.75 -25.35 2.21
CA ARG A 134 -34.75 -26.05 3.01
C ARG A 134 -35.32 -25.12 4.08
N LEU A 135 -36.50 -25.48 4.57
CA LEU A 135 -37.18 -24.65 5.57
C LEU A 135 -36.28 -24.36 6.76
N GLU A 136 -35.71 -25.40 7.36
CA GLU A 136 -35.00 -25.22 8.62
C GLU A 136 -33.70 -24.45 8.42
N GLU A 137 -33.09 -24.53 7.24
CA GLU A 137 -31.90 -23.71 6.97
C GLU A 137 -32.26 -22.23 6.99
N ILE A 138 -33.31 -21.84 6.27
CA ILE A 138 -33.79 -20.46 6.30
C ILE A 138 -34.11 -20.06 7.74
N THR A 139 -34.82 -20.93 8.46
CA THR A 139 -35.23 -20.61 9.82
C THR A 139 -34.02 -20.33 10.70
N GLY A 140 -33.02 -21.22 10.65
CA GLY A 140 -31.80 -21.00 11.42
C GLY A 140 -31.08 -19.73 11.01
N HIS A 141 -31.01 -19.47 9.70
CA HIS A 141 -30.35 -18.25 9.23
C HIS A 141 -31.02 -17.02 9.82
N LEU A 142 -32.35 -16.94 9.74
CA LEU A 142 -33.05 -15.79 10.28
C LEU A 142 -32.91 -15.70 11.79
N HIS A 143 -32.93 -16.85 12.49
CA HIS A 143 -32.69 -16.84 13.92
C HIS A 143 -31.33 -16.24 14.26
N LYS A 144 -30.29 -16.72 13.58
CA LYS A 144 -28.95 -16.17 13.78
C LYS A 144 -28.93 -14.67 13.49
N ALA A 145 -29.52 -14.27 12.36
CA ALA A 145 -29.61 -12.84 12.04
C ALA A 145 -30.24 -12.06 13.18
N LYS A 146 -31.33 -12.59 13.75
CA LYS A 146 -31.97 -11.94 14.88
C LYS A 146 -31.00 -11.81 16.05
N GLN A 147 -30.29 -12.90 16.35
CA GLN A 147 -29.30 -12.87 17.40
C GLN A 147 -28.15 -11.92 17.04
N LEU A 148 -27.72 -11.93 15.78
CA LEU A 148 -26.61 -11.10 15.33
C LEU A 148 -27.01 -9.64 15.14
N GLY A 149 -28.30 -9.32 15.15
CA GLY A 149 -28.76 -7.96 14.98
C GLY A 149 -28.84 -7.45 13.56
N LEU A 150 -29.20 -8.32 12.61
CA LEU A 150 -29.42 -7.92 11.22
C LEU A 150 -30.89 -7.53 11.06
N LYS A 151 -31.21 -6.32 11.54
CA LYS A 151 -32.59 -5.86 11.63
C LYS A 151 -33.30 -5.72 10.29
N ASN A 152 -32.60 -5.87 9.16
CA ASN A 152 -33.21 -5.71 7.84
C ASN A 152 -32.83 -6.90 6.96
N ILE A 153 -33.84 -7.58 6.42
CA ILE A 153 -33.63 -8.73 5.54
C ILE A 153 -34.18 -8.39 4.16
N MET A 154 -33.33 -8.46 3.15
CA MET A 154 -33.72 -8.28 1.75
C MET A 154 -33.99 -9.64 1.11
N ALA A 155 -35.23 -9.84 0.68
CA ALA A 155 -35.71 -11.15 0.24
C ALA A 155 -35.64 -11.25 -1.29
N LEU A 156 -34.89 -12.22 -1.78
CA LEU A 156 -34.77 -12.50 -3.21
C LEU A 156 -35.13 -13.97 -3.45
N ARG A 157 -35.11 -14.36 -4.73
CA ARG A 157 -35.34 -15.75 -5.10
C ARG A 157 -34.05 -16.48 -5.47
N GLY A 158 -33.02 -15.76 -5.90
CA GLY A 158 -31.83 -16.43 -6.39
C GLY A 158 -32.08 -17.15 -7.71
N ASP A 159 -31.07 -17.93 -8.11
CA ASP A 159 -31.16 -18.70 -9.33
C ASP A 159 -30.65 -20.11 -9.07
N PRO A 160 -31.28 -21.13 -9.68
CA PRO A 160 -30.90 -22.53 -9.39
C PRO A 160 -29.62 -22.95 -10.10
N GLY A 171 -38.61 -25.71 0.16
CA GLY A 171 -40.04 -25.43 0.19
C GLY A 171 -40.35 -24.00 -0.18
N PHE A 172 -39.50 -23.39 -1.01
CA PHE A 172 -39.69 -22.02 -1.47
C PHE A 172 -39.38 -21.97 -2.96
N ASN A 173 -40.26 -21.32 -3.73
CA ASN A 173 -40.05 -21.16 -5.16
C ASN A 173 -39.89 -19.70 -5.56
N TYR A 174 -40.82 -18.84 -5.16
CA TYR A 174 -40.77 -17.42 -5.43
C TYR A 174 -40.40 -16.64 -4.18
N ALA A 175 -40.00 -15.38 -4.37
CA ALA A 175 -39.65 -14.51 -3.25
C ALA A 175 -40.86 -14.26 -2.34
N VAL A 176 -42.07 -14.41 -2.87
CA VAL A 176 -43.26 -14.19 -2.05
C VAL A 176 -43.29 -15.20 -0.92
N ASP A 177 -42.82 -16.42 -1.19
CA ASP A 177 -42.82 -17.46 -0.16
C ASP A 177 -41.90 -17.08 0.99
N LEU A 178 -40.75 -16.47 0.68
CA LEU A 178 -39.82 -16.09 1.74
C LEU A 178 -40.32 -14.89 2.52
N VAL A 179 -40.70 -13.81 1.84
CA VAL A 179 -41.31 -12.69 2.56
C VAL A 179 -42.42 -13.21 3.48
N LYS A 180 -43.25 -14.14 3.00
CA LYS A 180 -44.34 -14.65 3.83
C LYS A 180 -43.82 -15.49 5.00
N HIS A 181 -42.74 -16.24 4.80
CA HIS A 181 -42.17 -17.01 5.92
C HIS A 181 -41.64 -16.07 6.99
N ILE A 182 -40.98 -14.99 6.57
CA ILE A 182 -40.38 -14.07 7.54
C ILE A 182 -41.47 -13.32 8.28
N ARG A 183 -42.54 -12.97 7.58
CA ARG A 183 -43.63 -12.23 8.22
C ARG A 183 -44.41 -13.14 9.15
N SER A 184 -44.60 -14.40 8.77
CA SER A 184 -45.32 -15.35 9.61
C SER A 184 -44.54 -15.64 10.89
N GLU A 185 -43.25 -15.95 10.78
CA GLU A 185 -42.51 -16.45 11.92
C GLU A 185 -41.91 -15.33 12.76
N PHE A 186 -41.20 -14.39 12.14
CA PHE A 186 -40.48 -13.36 12.87
C PHE A 186 -41.26 -12.06 12.99
N GLY A 187 -42.55 -12.06 12.64
CA GLY A 187 -43.36 -10.87 12.79
C GLY A 187 -42.82 -9.71 11.97
N ASP A 188 -42.99 -8.51 12.53
CA ASP A 188 -42.57 -7.28 11.87
C ASP A 188 -41.24 -6.75 12.39
N TYR A 189 -40.41 -7.62 12.98
CA TYR A 189 -39.08 -7.19 13.38
C TYR A 189 -38.28 -6.74 12.17
N PHE A 190 -38.19 -7.58 11.15
CA PHE A 190 -37.34 -7.32 10.01
C PHE A 190 -38.03 -6.40 9.01
N ASP A 191 -37.27 -5.44 8.49
CA ASP A 191 -37.71 -4.60 7.39
C ASP A 191 -37.36 -5.32 6.10
N ILE A 192 -38.34 -5.46 5.22
CA ILE A 192 -38.20 -6.25 4.00
C ILE A 192 -38.36 -5.32 2.81
N CYS A 193 -37.34 -5.28 1.96
CA CYS A 193 -37.44 -4.75 0.61
C CYS A 193 -37.31 -5.88 -0.39
N VAL A 194 -37.74 -5.62 -1.62
CA VAL A 194 -37.76 -6.64 -2.67
C VAL A 194 -37.25 -6.03 -3.96
N ALA A 195 -36.67 -6.88 -4.81
CA ALA A 195 -36.17 -6.44 -6.10
C ALA A 195 -37.31 -6.10 -7.05
N GLY A 196 -37.13 -5.04 -7.82
CA GLY A 196 -37.99 -4.78 -8.96
C GLY A 196 -37.15 -4.57 -10.20
N TYR A 197 -37.79 -4.78 -11.35
CA TYR A 197 -37.09 -4.76 -12.63
C TYR A 197 -37.74 -3.74 -13.56
N PRO A 198 -37.04 -2.64 -13.92
CA PRO A 198 -37.71 -1.59 -14.69
C PRO A 198 -38.16 -2.02 -16.07
N LYS A 199 -37.53 -3.05 -16.64
CA LYS A 199 -37.87 -3.52 -17.97
C LYS A 199 -38.53 -4.89 -17.98
N GLY A 200 -38.44 -5.64 -16.88
CA GLY A 200 -39.07 -6.96 -16.79
C GLY A 200 -38.01 -8.01 -16.52
N HIS A 201 -38.31 -8.89 -15.58
CA HIS A 201 -37.38 -9.97 -15.25
C HIS A 201 -37.14 -10.83 -16.49
N PRO A 202 -35.88 -11.15 -16.83
CA PRO A 202 -35.59 -11.90 -18.07
C PRO A 202 -36.56 -13.04 -18.38
N GLU A 203 -36.86 -13.88 -17.39
CA GLU A 203 -37.62 -15.10 -17.63
C GLU A 203 -39.12 -14.93 -17.38
N ALA A 204 -39.58 -13.73 -17.06
CA ALA A 204 -41.02 -13.51 -16.89
C ALA A 204 -41.74 -13.67 -18.23
N GLY A 205 -43.00 -14.05 -18.16
CA GLY A 205 -43.79 -14.18 -19.38
C GLY A 205 -43.96 -12.86 -20.10
N SER A 206 -44.15 -11.78 -19.35
CA SER A 206 -44.36 -10.46 -19.92
C SER A 206 -44.07 -9.43 -18.83
N PHE A 207 -44.05 -8.16 -19.23
CA PHE A 207 -43.84 -7.10 -18.26
C PHE A 207 -45.07 -6.84 -17.40
N GLU A 208 -46.27 -7.15 -17.92
CA GLU A 208 -47.49 -6.89 -17.18
C GLU A 208 -47.74 -7.97 -16.14
N ALA A 209 -47.52 -9.24 -16.50
CA ALA A 209 -47.65 -10.31 -15.52
C ALA A 209 -46.53 -10.23 -14.49
N ASP A 210 -45.34 -9.80 -14.90
CA ASP A 210 -44.26 -9.55 -13.95
C ASP A 210 -44.63 -8.44 -12.98
N LEU A 211 -45.25 -7.37 -13.48
CA LEU A 211 -45.72 -6.32 -12.59
C LEU A 211 -46.79 -6.83 -11.63
N LYS A 212 -47.72 -7.65 -12.13
CA LYS A 212 -48.73 -8.25 -11.26
C LYS A 212 -48.08 -9.06 -10.14
N HIS A 213 -47.10 -9.89 -10.50
CA HIS A 213 -46.42 -10.70 -9.49
C HIS A 213 -45.65 -9.82 -8.51
N LEU A 214 -45.08 -8.71 -8.98
CA LEU A 214 -44.43 -7.76 -8.09
C LEU A 214 -45.42 -7.19 -7.08
N LYS A 215 -46.59 -6.75 -7.58
CA LYS A 215 -47.68 -6.32 -6.70
C LYS A 215 -47.98 -7.39 -5.66
N GLU A 216 -48.15 -8.63 -6.11
CA GLU A 216 -48.45 -9.73 -5.19
C GLU A 216 -47.40 -9.80 -4.09
N LYS A 217 -46.13 -9.81 -4.48
CA LYS A 217 -45.05 -9.87 -3.51
C LYS A 217 -45.13 -8.73 -2.50
N VAL A 218 -45.21 -7.49 -2.99
CA VAL A 218 -45.15 -6.35 -2.08
C VAL A 218 -46.37 -6.32 -1.18
N SER A 219 -47.49 -6.89 -1.62
CA SER A 219 -48.70 -6.85 -0.79
C SER A 219 -48.59 -7.80 0.39
N ALA A 220 -47.95 -8.95 0.21
CA ALA A 220 -47.76 -9.87 1.32
C ALA A 220 -46.97 -9.22 2.44
N GLY A 221 -45.78 -8.70 2.12
CA GLY A 221 -44.96 -8.00 3.09
C GLY A 221 -44.21 -6.83 2.49
N ALA A 222 -42.89 -6.84 2.67
CA ALA A 222 -42.00 -5.86 2.05
C ALA A 222 -42.27 -4.44 2.54
N ASP A 223 -41.33 -3.53 2.26
CA ASP A 223 -41.46 -2.13 2.65
C ASP A 223 -41.01 -1.15 1.57
N PHE A 224 -40.11 -1.54 0.66
CA PHE A 224 -39.74 -0.73 -0.49
C PHE A 224 -39.08 -1.63 -1.52
N ILE A 225 -39.03 -1.15 -2.77
CA ILE A 225 -38.52 -1.91 -3.89
C ILE A 225 -37.22 -1.29 -4.37
N ILE A 226 -36.18 -2.12 -4.47
CA ILE A 226 -34.89 -1.73 -5.06
C ILE A 226 -34.91 -2.16 -6.52
N THR A 227 -34.61 -1.23 -7.41
CA THR A 227 -34.79 -1.43 -8.85
C THR A 227 -33.44 -1.68 -9.52
N GLN A 228 -33.38 -2.73 -10.34
CA GLN A 228 -32.14 -3.09 -11.01
C GLN A 228 -31.61 -1.93 -11.84
N LEU A 229 -30.28 -1.91 -12.02
CA LEU A 229 -29.63 -0.86 -12.79
C LEU A 229 -30.34 -0.59 -14.11
N PHE A 230 -30.36 0.68 -14.50
CA PHE A 230 -30.90 1.08 -15.79
C PHE A 230 -30.01 2.20 -16.35
N PHE A 231 -30.03 2.34 -17.68
CA PHE A 231 -29.18 3.30 -18.36
C PHE A 231 -29.87 4.61 -18.69
N GLU A 232 -31.20 4.66 -18.63
CA GLU A 232 -31.94 5.87 -18.96
C GLU A 232 -33.06 6.07 -17.96
N ALA A 233 -33.19 7.29 -17.45
CA ALA A 233 -34.19 7.58 -16.43
C ALA A 233 -35.61 7.39 -16.96
N ASP A 234 -35.80 7.57 -18.27
CA ASP A 234 -37.15 7.47 -18.84
C ASP A 234 -37.78 6.12 -18.52
N THR A 235 -37.02 5.03 -18.67
CA THR A 235 -37.56 3.71 -18.39
C THR A 235 -37.94 3.58 -16.92
N PHE A 236 -37.12 4.11 -16.02
CA PHE A 236 -37.47 4.07 -14.60
C PHE A 236 -38.75 4.84 -14.33
N PHE A 237 -38.92 6.01 -14.95
CA PHE A 237 -40.16 6.75 -14.83
C PHE A 237 -41.34 5.91 -15.33
N ARG A 238 -41.17 5.24 -16.47
CA ARG A 238 -42.21 4.36 -16.99
C ARG A 238 -42.59 3.31 -15.96
N PHE A 239 -41.58 2.67 -15.37
CA PHE A 239 -41.81 1.64 -14.36
C PHE A 239 -42.55 2.23 -13.15
N VAL A 240 -42.12 3.39 -12.68
CA VAL A 240 -42.75 4.04 -11.53
C VAL A 240 -44.22 4.31 -11.83
N LYS A 241 -44.51 4.85 -13.01
CA LYS A 241 -45.89 5.13 -13.37
C LYS A 241 -46.71 3.85 -13.42
N ALA A 242 -46.18 2.81 -14.09
CA ALA A 242 -46.90 1.54 -14.16
C ALA A 242 -47.23 1.01 -12.78
N CYS A 243 -46.23 0.95 -11.89
CA CYS A 243 -46.49 0.53 -10.51
C CYS A 243 -47.55 1.41 -9.86
N THR A 244 -47.50 2.73 -10.09
CA THR A 244 -48.48 3.63 -9.50
C THR A 244 -49.89 3.25 -9.91
N ASP A 245 -50.09 2.92 -11.19
CA ASP A 245 -51.42 2.51 -11.65
C ASP A 245 -51.95 1.35 -10.83
N MET A 246 -51.12 0.33 -10.61
CA MET A 246 -51.44 -0.76 -9.69
C MET A 246 -51.52 -0.30 -8.25
N GLY A 247 -51.08 0.92 -7.94
CA GLY A 247 -51.09 1.42 -6.57
C GLY A 247 -50.06 0.77 -5.66
N ILE A 248 -48.85 0.54 -6.15
CA ILE A 248 -47.74 0.14 -5.30
C ILE A 248 -47.36 1.35 -4.45
N THR A 249 -47.70 1.31 -3.16
CA THR A 249 -47.47 2.47 -2.30
C THR A 249 -46.05 2.53 -1.76
N CYS A 250 -45.35 1.39 -1.67
CA CYS A 250 -44.01 1.39 -1.11
C CYS A 250 -43.06 2.14 -2.06
N PRO A 251 -42.11 2.90 -1.51
CA PRO A 251 -41.18 3.65 -2.37
C PRO A 251 -40.30 2.73 -3.20
N ILE A 252 -39.97 3.19 -4.40
CA ILE A 252 -39.12 2.46 -5.34
C ILE A 252 -37.79 3.19 -5.48
N VAL A 253 -36.70 2.48 -5.25
CA VAL A 253 -35.36 3.05 -5.15
C VAL A 253 -34.59 2.66 -6.42
N PRO A 254 -34.13 3.61 -7.23
CA PRO A 254 -33.47 3.24 -8.49
C PRO A 254 -32.03 2.78 -8.27
N GLY A 255 -31.67 1.68 -8.93
CA GLY A 255 -30.31 1.16 -8.86
C GLY A 255 -29.39 1.88 -9.82
N ILE A 256 -28.27 2.39 -9.30
CA ILE A 256 -27.27 3.07 -10.12
C ILE A 256 -26.03 2.19 -10.18
N PHE A 257 -25.64 1.80 -11.39
CA PHE A 257 -24.41 1.04 -11.63
C PHE A 257 -23.38 1.94 -12.29
N PRO A 258 -22.35 2.41 -11.58
CA PRO A 258 -21.24 3.11 -12.24
C PRO A 258 -20.34 2.13 -12.98
N ILE A 259 -20.21 2.34 -14.30
CA ILE A 259 -19.23 1.60 -15.08
C ILE A 259 -17.83 1.95 -14.59
N GLN A 260 -17.09 0.95 -14.13
CA GLN A 260 -15.76 1.13 -13.53
C GLN A 260 -14.81 0.14 -14.18
N GLY A 261 -14.18 0.54 -15.28
CA GLY A 261 -13.24 -0.33 -15.98
C GLY A 261 -13.90 -1.16 -17.06
N TYR A 262 -13.06 -1.68 -17.95
CA TYR A 262 -13.56 -2.43 -19.11
C TYR A 262 -14.28 -3.70 -18.68
N HIS A 263 -13.79 -4.38 -17.63
CA HIS A 263 -14.36 -5.67 -17.25
C HIS A 263 -15.87 -5.54 -17.00
N SER A 264 -16.26 -4.52 -16.24
CA SER A 264 -17.67 -4.30 -15.94
C SER A 264 -18.49 -4.16 -17.21
N LEU A 265 -18.05 -3.27 -18.11
CA LEU A 265 -18.76 -3.07 -19.37
C LEU A 265 -18.87 -4.38 -20.15
N ARG A 266 -17.76 -5.10 -20.29
CA ARG A 266 -17.76 -6.31 -21.09
C ARG A 266 -18.74 -7.34 -20.53
N GLN A 267 -18.75 -7.52 -19.21
CA GLN A 267 -19.74 -8.42 -18.61
C GLN A 267 -21.16 -7.90 -18.84
N LEU A 268 -21.38 -6.62 -18.60
CA LEU A 268 -22.72 -6.06 -18.62
C LEU A 268 -23.33 -6.16 -20.01
N VAL A 269 -22.54 -5.93 -21.05
CA VAL A 269 -23.07 -5.95 -22.42
C VAL A 269 -23.70 -7.29 -22.76
N LYS A 270 -23.18 -8.38 -22.17
CA LYS A 270 -23.75 -9.69 -22.45
C LYS A 270 -25.21 -9.76 -22.04
N LEU A 271 -25.56 -9.18 -20.89
CA LEU A 271 -26.94 -9.17 -20.44
C LEU A 271 -27.83 -8.47 -21.47
N SER A 272 -28.66 -9.25 -22.17
CA SER A 272 -29.41 -8.72 -23.31
C SER A 272 -30.42 -7.67 -22.86
N LYS A 273 -31.32 -8.04 -21.94
CA LYS A 273 -32.45 -7.17 -21.61
C LYS A 273 -32.01 -5.77 -21.19
N LEU A 274 -30.82 -5.64 -20.59
CA LEU A 274 -30.35 -4.33 -20.19
C LEU A 274 -30.15 -3.41 -21.40
N GLU A 275 -29.76 -3.97 -22.54
CA GLU A 275 -29.65 -3.21 -23.78
C GLU A 275 -28.78 -1.97 -23.61
N VAL A 276 -27.49 -2.22 -23.45
CA VAL A 276 -26.51 -1.15 -23.26
C VAL A 276 -26.57 -0.24 -24.47
N PRO A 277 -26.87 1.06 -24.30
CA PRO A 277 -26.91 1.96 -25.45
C PRO A 277 -25.64 1.91 -26.30
N GLN A 278 -25.83 2.10 -27.61
CA GLN A 278 -24.70 2.09 -28.55
C GLN A 278 -23.62 3.07 -28.12
N GLU A 279 -24.03 4.26 -27.68
CA GLU A 279 -23.08 5.32 -27.34
C GLU A 279 -21.99 4.83 -26.39
N ILE A 280 -22.39 4.14 -25.32
CA ILE A 280 -21.42 3.72 -24.31
C ILE A 280 -20.36 2.82 -24.93
N LYS A 281 -20.80 1.78 -25.65
CA LYS A 281 -19.83 0.89 -26.29
C LYS A 281 -18.94 1.64 -27.27
N ASP A 282 -19.53 2.47 -28.11
CA ASP A 282 -18.74 3.19 -29.12
C ASP A 282 -17.67 4.05 -28.47
N VAL A 283 -18.06 4.89 -27.51
CA VAL A 283 -17.10 5.81 -26.87
C VAL A 283 -16.01 5.03 -26.17
N ILE A 284 -16.38 4.00 -25.41
CA ILE A 284 -15.40 3.25 -24.63
C ILE A 284 -14.38 2.57 -25.53
N GLU A 285 -14.84 2.00 -26.66
CA GLU A 285 -14.00 1.06 -27.41
C GLU A 285 -12.60 1.58 -27.68
N PRO A 286 -12.40 2.80 -28.22
CA PRO A 286 -11.01 3.29 -28.32
C PRO A 286 -10.33 3.40 -26.96
N ILE A 287 -11.04 3.91 -25.95
CA ILE A 287 -10.50 4.03 -24.61
C ILE A 287 -10.27 2.68 -23.95
N LYS A 288 -10.89 1.62 -24.47
CA LYS A 288 -11.02 0.36 -23.75
C LYS A 288 -9.82 0.01 -22.88
N ASP A 289 -8.61 0.13 -23.43
CA ASP A 289 -7.43 -0.28 -22.68
C ASP A 289 -7.19 0.61 -21.45
N ASN A 290 -7.44 1.90 -21.56
CA ASN A 290 -7.17 2.85 -20.48
C ASN A 290 -8.36 2.87 -19.51
N ASP A 291 -8.29 2.01 -18.50
CA ASP A 291 -9.42 1.87 -17.57
C ASP A 291 -9.76 3.20 -16.90
N ALA A 292 -8.76 3.94 -16.43
CA ALA A 292 -9.02 5.20 -15.75
C ALA A 292 -9.98 6.09 -16.54
N ALA A 293 -9.75 6.21 -17.84
CA ALA A 293 -10.66 6.97 -18.69
C ALA A 293 -12.05 6.36 -18.70
N ILE A 294 -12.14 5.03 -18.77
CA ILE A 294 -13.44 4.36 -18.65
C ILE A 294 -14.15 4.82 -17.38
N ARG A 295 -13.44 4.78 -16.26
CA ARG A 295 -14.02 5.21 -14.99
C ARG A 295 -14.50 6.65 -15.04
N ASN A 296 -13.70 7.54 -15.60
CA ASN A 296 -14.12 8.94 -15.75
C ASN A 296 -15.41 9.04 -16.54
N TYR A 297 -15.47 8.37 -17.70
CA TYR A 297 -16.69 8.40 -18.51
C TYR A 297 -17.87 7.85 -17.72
N GLY A 298 -17.67 6.74 -17.00
CA GLY A 298 -18.73 6.18 -16.20
C GLY A 298 -19.22 7.16 -15.13
N ILE A 299 -18.30 7.89 -14.53
CA ILE A 299 -18.68 8.92 -13.55
C ILE A 299 -19.54 9.98 -14.23
N GLU A 300 -19.14 10.41 -15.42
CA GLU A 300 -19.92 11.42 -16.13
C GLU A 300 -21.34 10.91 -16.43
N LEU A 301 -21.43 9.68 -16.94
CA LEU A 301 -22.73 9.09 -17.22
C LEU A 301 -23.58 9.00 -15.97
N ALA A 302 -22.99 8.50 -14.88
CA ALA A 302 -23.72 8.37 -13.62
C ALA A 302 -24.22 9.73 -13.15
N VAL A 303 -23.36 10.75 -13.19
CA VAL A 303 -23.78 12.07 -12.73
C VAL A 303 -24.93 12.57 -13.58
N SER A 304 -24.84 12.43 -14.90
CA SER A 304 -25.93 12.87 -15.76
C SER A 304 -27.24 12.16 -15.42
N LEU A 305 -27.19 10.82 -15.35
CA LEU A 305 -28.40 10.05 -15.07
C LEU A 305 -29.00 10.42 -13.72
N CYS A 306 -28.16 10.52 -12.69
CA CYS A 306 -28.64 10.84 -11.35
C CYS A 306 -29.24 12.25 -11.31
N GLN A 307 -28.60 13.21 -11.98
CA GLN A 307 -29.19 14.55 -12.06
C GLN A 307 -30.55 14.51 -12.72
N GLU A 308 -30.68 13.76 -13.82
CA GLU A 308 -31.96 13.68 -14.50
C GLU A 308 -33.02 13.05 -13.60
N LEU A 309 -32.64 12.00 -12.86
CA LEU A 309 -33.56 11.37 -11.94
C LEU A 309 -34.01 12.34 -10.84
N LEU A 310 -33.05 12.86 -10.07
CA LEU A 310 -33.38 13.72 -8.94
C LEU A 310 -34.09 14.99 -9.38
N ALA A 311 -33.93 15.42 -10.64
CA ALA A 311 -34.69 16.56 -11.13
C ALA A 311 -36.18 16.35 -10.96
N SER A 312 -36.64 15.10 -11.04
CA SER A 312 -38.07 14.82 -11.08
C SER A 312 -38.69 14.79 -9.70
N GLY A 313 -37.92 14.42 -8.67
CA GLY A 313 -38.43 14.34 -7.32
C GLY A 313 -39.18 13.07 -6.99
N LEU A 314 -39.48 12.23 -7.98
CA LEU A 314 -40.11 10.93 -7.72
C LEU A 314 -39.15 9.91 -7.15
N VAL A 315 -37.86 10.24 -7.02
CA VAL A 315 -36.85 9.30 -6.55
C VAL A 315 -36.55 9.63 -5.09
N PRO A 316 -36.87 8.75 -4.13
CA PRO A 316 -36.45 9.02 -2.74
C PRO A 316 -34.95 9.04 -2.55
N GLY A 317 -34.22 8.14 -3.23
CA GLY A 317 -32.80 8.00 -2.99
C GLY A 317 -32.13 7.08 -4.00
N LEU A 318 -30.83 7.28 -4.22
CA LEU A 318 -30.07 6.54 -5.22
C LEU A 318 -29.34 5.37 -4.58
N HIS A 319 -29.45 4.21 -5.20
CA HIS A 319 -28.81 2.98 -4.71
C HIS A 319 -27.64 2.64 -5.62
N PHE A 320 -26.42 2.82 -5.10
CA PHE A 320 -25.19 2.65 -5.88
C PHE A 320 -24.58 1.27 -5.61
N TYR A 321 -24.37 0.50 -6.68
CA TYR A 321 -23.58 -0.71 -6.61
C TYR A 321 -22.10 -0.34 -6.59
N THR A 322 -21.47 -0.44 -5.43
CA THR A 322 -20.08 -0.02 -5.29
C THR A 322 -19.10 -1.01 -5.90
N LEU A 323 -19.42 -2.30 -5.93
CA LEU A 323 -18.45 -3.34 -6.26
C LEU A 323 -17.21 -3.24 -5.38
N ASN A 324 -17.40 -2.76 -4.15
CA ASN A 324 -16.30 -2.61 -3.19
C ASN A 324 -15.23 -1.64 -3.68
N ARG A 325 -15.63 -0.66 -4.50
CA ARG A 325 -14.72 0.37 -4.98
C ARG A 325 -15.39 1.72 -4.75
N GLU A 326 -14.73 2.56 -3.95
CA GLU A 326 -15.34 3.80 -3.46
C GLU A 326 -15.15 4.99 -4.40
N MET A 327 -13.90 5.27 -4.79
CA MET A 327 -13.58 6.51 -5.49
C MET A 327 -14.63 6.89 -6.52
N ALA A 328 -15.05 5.93 -7.35
CA ALA A 328 -16.02 6.23 -8.40
C ALA A 328 -17.33 6.75 -7.79
N THR A 329 -17.91 5.96 -6.88
CA THR A 329 -19.17 6.35 -6.24
C THR A 329 -19.00 7.65 -5.46
N THR A 330 -17.88 7.79 -4.75
CA THR A 330 -17.64 9.01 -3.97
C THR A 330 -17.61 10.23 -4.89
N GLU A 331 -16.90 10.13 -6.01
CA GLU A 331 -16.85 11.22 -6.96
C GLU A 331 -18.23 11.55 -7.50
N VAL A 332 -19.01 10.52 -7.83
CA VAL A 332 -20.36 10.77 -8.34
C VAL A 332 -21.19 11.52 -7.31
N LEU A 333 -21.16 11.03 -6.07
CA LEU A 333 -21.92 11.69 -5.01
C LEU A 333 -21.48 13.13 -4.80
N LYS A 334 -20.16 13.37 -4.84
CA LYS A 334 -19.66 14.73 -4.66
C LYS A 334 -20.13 15.61 -5.81
N ARG A 335 -20.18 15.06 -7.02
CA ARG A 335 -20.68 15.82 -8.17
C ARG A 335 -22.15 16.19 -7.97
N LEU A 336 -22.96 15.23 -7.53
CA LEU A 336 -24.35 15.56 -7.21
C LEU A 336 -24.45 16.50 -6.03
N GLY A 337 -23.49 16.42 -5.11
CA GLY A 337 -23.49 17.25 -3.91
C GLY A 337 -24.20 16.65 -2.71
N MET A 338 -24.66 15.40 -2.78
CA MET A 338 -25.29 14.78 -1.64
C MET A 338 -24.29 14.34 -0.58
N TRP A 339 -23.01 14.21 -0.94
CA TRP A 339 -22.00 13.76 0.01
C TRP A 339 -21.89 14.76 1.16
N THR A 340 -22.06 14.26 2.38
CA THR A 340 -22.19 15.14 3.54
C THR A 340 -20.86 15.82 3.89
N GLU A 341 -19.74 15.16 3.60
CA GLU A 341 -18.44 15.64 4.08
C GLU A 341 -18.46 15.80 5.59
N GLU A 380 -5.14 1.44 0.46
CA GLU A 380 -4.16 0.98 -0.51
C GLU A 380 -4.39 1.61 -1.90
N TRP A 381 -5.61 2.12 -2.12
CA TRP A 381 -6.03 2.67 -3.40
C TRP A 381 -6.20 1.62 -4.49
N ASP A 382 -6.42 0.35 -4.13
CA ASP A 382 -6.65 -0.70 -5.12
C ASP A 382 -8.07 -0.58 -5.65
N GLU A 383 -8.22 0.05 -6.82
CA GLU A 383 -9.52 0.26 -7.44
C GLU A 383 -9.60 -0.39 -8.82
N PHE A 384 -8.65 -1.25 -9.18
CA PHE A 384 -8.59 -1.87 -10.50
C PHE A 384 -8.37 -3.36 -10.28
N PRO A 385 -9.42 -4.09 -9.92
CA PRO A 385 -9.25 -5.48 -9.48
C PRO A 385 -8.51 -6.39 -10.44
N ASN A 386 -8.70 -6.23 -11.74
CA ASN A 386 -8.09 -7.14 -12.72
C ASN A 386 -8.44 -8.59 -12.38
N GLY A 387 -9.74 -8.84 -12.31
CA GLY A 387 -10.26 -10.17 -12.00
C GLY A 387 -9.53 -10.88 -10.89
N ARG A 388 -9.29 -12.18 -11.05
CA ARG A 388 -8.66 -12.99 -10.02
C ARG A 388 -7.14 -12.86 -10.01
N TRP A 389 -6.57 -11.95 -10.78
CA TRP A 389 -5.13 -11.76 -10.86
C TRP A 389 -4.62 -10.63 -9.98
N GLY A 390 -5.35 -9.52 -9.89
CA GLY A 390 -4.90 -8.38 -9.12
C GLY A 390 -4.71 -8.69 -7.65
N ASN A 391 -4.51 -7.65 -6.84
CA ASN A 391 -4.15 -7.85 -5.44
C ASN A 391 -5.28 -8.54 -4.69
N SER A 392 -4.97 -9.71 -4.13
CA SER A 392 -5.98 -10.47 -3.38
C SER A 392 -6.51 -9.66 -2.21
N SER A 393 -5.63 -8.96 -1.48
CA SER A 393 -6.05 -8.25 -0.29
C SER A 393 -7.09 -7.16 -0.58
N SER A 394 -7.18 -6.71 -1.83
CA SER A 394 -8.17 -5.72 -2.18
C SER A 394 -9.57 -6.28 -1.90
N PRO A 395 -10.46 -5.51 -1.25
CA PRO A 395 -11.83 -5.98 -1.09
C PRO A 395 -12.54 -6.22 -2.41
N ALA A 396 -12.14 -5.53 -3.46
CA ALA A 396 -12.76 -5.69 -4.78
C ALA A 396 -12.21 -6.87 -5.56
N PHE A 397 -11.33 -7.66 -4.96
CA PHE A 397 -10.76 -8.82 -5.65
C PHE A 397 -11.87 -9.81 -6.00
N GLY A 398 -11.75 -10.41 -7.19
CA GLY A 398 -12.71 -11.41 -7.62
C GLY A 398 -13.21 -11.21 -9.03
N GLU A 399 -13.38 -12.31 -9.76
CA GLU A 399 -13.94 -12.24 -11.10
C GLU A 399 -15.36 -11.71 -11.05
N LEU A 400 -15.68 -10.77 -11.94
CA LEU A 400 -17.03 -10.19 -11.95
C LEU A 400 -18.08 -11.25 -12.24
N LYS A 401 -17.74 -12.29 -13.00
CA LYS A 401 -18.72 -13.32 -13.31
C LYS A 401 -19.27 -13.99 -12.05
N ASP A 402 -18.57 -13.88 -10.92
CA ASP A 402 -19.09 -14.40 -9.66
C ASP A 402 -20.12 -13.48 -9.04
N TYR A 403 -20.13 -12.21 -9.42
CA TYR A 403 -21.16 -11.29 -8.94
C TYR A 403 -22.54 -11.77 -9.37
N TYR A 404 -23.50 -11.70 -8.46
CA TYR A 404 -24.84 -12.23 -8.73
C TYR A 404 -25.40 -11.70 -10.04
N LEU A 405 -25.01 -10.47 -10.43
CA LEU A 405 -25.59 -9.86 -11.62
C LEU A 405 -25.14 -10.58 -12.88
N PHE A 406 -23.91 -11.08 -12.90
CA PHE A 406 -23.36 -11.80 -14.05
C PHE A 406 -22.97 -13.22 -13.66
N TYR A 407 -23.77 -13.85 -12.80
CA TYR A 407 -23.53 -15.23 -12.39
C TYR A 407 -24.22 -16.20 -13.33
N LEU A 408 -23.46 -16.75 -14.27
CA LEU A 408 -23.90 -17.80 -15.19
C LEU A 408 -24.93 -17.33 -16.21
N LYS A 409 -25.10 -16.02 -16.39
CA LYS A 409 -26.02 -15.55 -17.41
C LYS A 409 -25.65 -16.09 -18.78
N SER A 410 -24.37 -16.37 -19.02
CA SER A 410 -23.93 -17.00 -20.25
C SER A 410 -24.34 -18.47 -20.19
N LYS A 411 -25.61 -18.72 -20.52
CA LYS A 411 -26.22 -20.03 -20.36
C LYS A 411 -25.29 -21.16 -20.81
N SER A 412 -24.74 -21.06 -22.01
CA SER A 412 -23.85 -22.10 -22.51
C SER A 412 -24.56 -23.46 -22.49
N PRO A 413 -25.53 -23.68 -23.38
CA PRO A 413 -26.31 -24.93 -23.33
C PRO A 413 -25.44 -26.17 -23.23
N LYS A 414 -25.91 -27.14 -22.45
CA LYS A 414 -25.11 -28.35 -22.20
C LYS A 414 -25.00 -29.22 -23.45
N GLU A 415 -25.98 -29.18 -24.35
CA GLU A 415 -25.87 -30.00 -25.56
C GLU A 415 -24.75 -29.48 -26.46
N GLU A 416 -24.55 -28.17 -26.49
CA GLU A 416 -23.49 -27.62 -27.33
C GLU A 416 -22.12 -27.89 -26.70
N LEU A 417 -22.02 -27.81 -25.38
CA LEU A 417 -20.79 -28.23 -24.70
C LEU A 417 -20.48 -29.68 -24.99
N LEU A 418 -21.50 -30.55 -24.96
CA LEU A 418 -21.28 -31.96 -25.24
C LEU A 418 -20.79 -32.16 -26.68
N LYS A 419 -21.40 -31.47 -27.64
CA LYS A 419 -20.99 -31.65 -29.02
C LYS A 419 -19.62 -31.05 -29.30
N MET A 420 -19.23 -30.01 -28.54
CA MET A 420 -17.93 -29.39 -28.74
C MET A 420 -16.82 -30.31 -28.25
N TRP A 421 -16.84 -30.65 -26.96
CA TRP A 421 -15.76 -31.38 -26.33
C TRP A 421 -15.85 -32.89 -26.53
N GLY A 422 -16.61 -33.33 -27.53
CA GLY A 422 -16.75 -34.75 -27.79
C GLY A 422 -17.89 -35.39 -27.03
N GLU A 423 -18.73 -36.14 -27.73
CA GLU A 423 -19.83 -36.82 -27.05
C GLU A 423 -19.31 -37.81 -26.02
N GLU A 424 -18.26 -38.55 -26.36
CA GLU A 424 -17.64 -39.49 -25.45
C GLU A 424 -16.13 -39.49 -25.68
N LEU A 425 -15.39 -39.86 -24.65
CA LEU A 425 -13.93 -39.83 -24.66
C LEU A 425 -13.40 -41.25 -24.55
N THR A 426 -12.45 -41.59 -25.42
CA THR A 426 -11.81 -42.90 -25.38
C THR A 426 -10.61 -42.93 -24.45
N SER A 427 -9.91 -41.82 -24.29
CA SER A 427 -8.73 -41.72 -23.44
C SER A 427 -8.42 -40.25 -23.24
N GLU A 428 -7.42 -39.98 -22.40
CA GLU A 428 -7.01 -38.60 -22.15
C GLU A 428 -6.58 -37.89 -23.42
N ALA A 429 -6.17 -38.64 -24.45
CA ALA A 429 -5.82 -38.02 -25.72
C ALA A 429 -6.97 -37.16 -26.25
N SER A 430 -8.21 -37.59 -26.00
CA SER A 430 -9.36 -36.78 -26.39
C SER A 430 -9.35 -35.43 -25.68
N VAL A 431 -9.06 -35.43 -24.38
CA VAL A 431 -8.99 -34.16 -23.64
C VAL A 431 -7.88 -33.29 -24.20
N PHE A 432 -6.73 -33.90 -24.50
CA PHE A 432 -5.62 -33.15 -25.08
C PHE A 432 -6.05 -32.52 -26.40
N GLU A 433 -6.74 -33.30 -27.24
CA GLU A 433 -7.23 -32.79 -28.51
C GLU A 433 -8.16 -31.60 -28.31
N VAL A 434 -9.09 -31.71 -27.37
CA VAL A 434 -10.00 -30.60 -27.11
C VAL A 434 -9.23 -29.35 -26.72
N PHE A 435 -8.25 -29.51 -25.82
CA PHE A 435 -7.45 -28.38 -25.39
C PHE A 435 -6.69 -27.77 -26.55
N VAL A 436 -6.19 -28.61 -27.45
CA VAL A 436 -5.43 -28.11 -28.60
C VAL A 436 -6.35 -27.31 -29.53
N LEU A 437 -7.50 -27.89 -29.88
CA LEU A 437 -8.42 -27.19 -30.77
C LEU A 437 -8.89 -25.87 -30.18
N TYR A 438 -9.07 -25.79 -28.85
CA TYR A 438 -9.49 -24.52 -28.29
C TYR A 438 -8.56 -23.39 -28.69
N LEU A 439 -7.26 -23.69 -28.84
CA LEU A 439 -6.28 -22.67 -29.20
C LEU A 439 -6.05 -22.58 -30.71
N SER A 440 -6.08 -23.70 -31.42
CA SER A 440 -5.80 -23.67 -32.86
C SER A 440 -6.99 -23.12 -33.63
N GLY A 441 -8.20 -23.51 -33.26
CA GLY A 441 -9.40 -23.02 -33.90
C GLY A 441 -9.93 -23.87 -35.04
N GLU A 442 -9.20 -24.91 -35.45
CA GLU A 442 -9.72 -25.78 -36.48
C GLU A 442 -10.93 -26.55 -35.96
N PRO A 443 -11.89 -26.86 -36.83
CA PRO A 443 -13.06 -27.62 -36.38
C PRO A 443 -12.70 -29.02 -35.92
N ASN A 444 -13.43 -29.50 -34.92
CA ASN A 444 -13.29 -30.88 -34.47
C ASN A 444 -13.57 -31.83 -35.63
N ARG A 445 -13.19 -33.10 -35.44
CA ARG A 445 -13.50 -34.11 -36.44
C ARG A 445 -14.98 -34.09 -36.80
N ASN A 446 -15.85 -33.78 -35.84
CA ASN A 446 -17.28 -33.70 -36.10
C ASN A 446 -17.66 -32.36 -36.74
N GLY A 447 -16.71 -31.46 -36.96
CA GLY A 447 -16.95 -30.20 -37.62
C GLY A 447 -17.26 -29.03 -36.70
N HIS A 448 -17.48 -29.27 -35.41
CA HIS A 448 -17.78 -28.21 -34.47
C HIS A 448 -16.50 -27.65 -33.87
N LYS A 449 -16.33 -26.33 -33.97
CA LYS A 449 -15.18 -25.66 -33.37
C LYS A 449 -15.34 -25.60 -31.86
N VAL A 450 -14.25 -25.88 -31.15
CA VAL A 450 -14.22 -25.79 -29.69
C VAL A 450 -14.03 -24.31 -29.33
N THR A 451 -15.12 -23.64 -28.94
CA THR A 451 -15.09 -22.21 -28.71
C THR A 451 -14.81 -21.85 -27.26
N CYS A 452 -15.01 -22.76 -26.31
CA CYS A 452 -14.89 -22.44 -24.90
C CYS A 452 -14.34 -23.63 -24.14
N LEU A 453 -13.86 -23.35 -22.94
CA LEU A 453 -13.46 -24.36 -21.97
C LEU A 453 -14.04 -23.99 -20.62
N PRO A 454 -14.15 -24.95 -19.69
CA PRO A 454 -14.78 -24.64 -18.40
C PRO A 454 -14.16 -23.45 -17.68
N TRP A 455 -12.84 -23.26 -17.82
CA TRP A 455 -12.16 -22.22 -17.06
C TRP A 455 -12.27 -20.85 -17.72
N ASN A 456 -11.70 -20.72 -18.92
CA ASN A 456 -11.68 -19.44 -19.61
C ASN A 456 -12.92 -19.32 -20.49
N ASP A 457 -13.84 -18.42 -20.11
CA ASP A 457 -14.99 -18.12 -20.94
C ASP A 457 -14.71 -17.03 -21.97
N GLU A 458 -13.84 -16.08 -21.65
CA GLU A 458 -13.60 -14.96 -22.54
C GLU A 458 -12.80 -15.41 -23.76
N PRO A 459 -13.01 -14.76 -24.91
CA PRO A 459 -12.26 -15.15 -26.11
C PRO A 459 -10.76 -15.01 -25.92
N LEU A 460 -10.01 -15.87 -26.60
CA LEU A 460 -8.56 -15.88 -26.46
C LEU A 460 -7.98 -14.56 -26.94
N ALA A 461 -7.33 -13.84 -26.02
CA ALA A 461 -6.87 -12.49 -26.31
C ALA A 461 -5.81 -12.52 -27.41
N ALA A 462 -5.52 -11.33 -27.94
CA ALA A 462 -4.62 -11.18 -29.07
C ALA A 462 -3.15 -11.20 -28.66
N GLU A 463 -2.85 -11.42 -27.38
CA GLU A 463 -1.45 -11.56 -26.96
C GLU A 463 -0.95 -12.98 -27.15
N THR A 464 -1.85 -13.97 -27.14
CA THR A 464 -1.44 -15.36 -27.30
C THR A 464 -1.08 -15.71 -28.73
N SER A 465 -1.28 -14.79 -29.68
CA SER A 465 -0.74 -14.98 -31.01
C SER A 465 0.78 -15.07 -31.00
N LEU A 466 1.42 -14.47 -29.99
CA LEU A 466 2.87 -14.55 -29.82
C LEU A 466 3.33 -15.86 -29.21
N LEU A 467 2.39 -16.72 -28.80
CA LEU A 467 2.73 -17.99 -28.16
C LEU A 467 2.02 -19.18 -28.78
N LYS A 468 1.25 -18.97 -29.85
CA LYS A 468 0.29 -19.99 -30.28
C LYS A 468 0.98 -21.30 -30.64
N GLU A 469 2.10 -21.24 -31.35
CA GLU A 469 2.77 -22.48 -31.77
C GLU A 469 3.27 -23.26 -30.56
N GLU A 470 3.94 -22.58 -29.63
CA GLU A 470 4.43 -23.25 -28.43
C GLU A 470 3.28 -23.76 -27.57
N LEU A 471 2.19 -23.00 -27.50
CA LEU A 471 1.04 -23.45 -26.73
C LEU A 471 0.45 -24.72 -27.35
N LEU A 472 0.35 -24.76 -28.67
CA LEU A 472 -0.10 -25.98 -29.34
C LEU A 472 0.82 -27.14 -29.03
N ARG A 473 2.13 -26.89 -29.06
CA ARG A 473 3.12 -27.91 -28.70
C ARG A 473 2.83 -28.49 -27.31
N VAL A 474 2.83 -27.61 -26.30
CA VAL A 474 2.70 -28.07 -24.92
C VAL A 474 1.36 -28.79 -24.73
N ASN A 475 0.26 -28.19 -25.22
CA ASN A 475 -1.04 -28.83 -25.07
C ASN A 475 -1.05 -30.21 -25.74
N ARG A 476 -0.54 -30.30 -26.97
CA ARG A 476 -0.49 -31.58 -27.65
C ARG A 476 0.29 -32.61 -26.86
N GLN A 477 1.26 -32.17 -26.05
CA GLN A 477 2.07 -33.09 -25.25
C GLN A 477 1.60 -33.16 -23.80
N GLY A 478 0.30 -33.05 -23.56
CA GLY A 478 -0.26 -33.33 -22.25
C GLY A 478 -0.11 -32.22 -21.22
N ILE A 479 0.31 -31.03 -21.62
CA ILE A 479 0.41 -29.89 -20.72
C ILE A 479 -0.75 -28.97 -21.05
N LEU A 480 -1.83 -29.09 -20.31
CA LEU A 480 -3.11 -28.47 -20.65
C LEU A 480 -3.14 -27.06 -20.08
N THR A 481 -2.73 -26.09 -20.90
CA THR A 481 -2.69 -24.72 -20.46
C THR A 481 -4.09 -24.14 -20.34
N ILE A 482 -4.32 -23.41 -19.24
CA ILE A 482 -5.55 -22.67 -19.04
C ILE A 482 -5.30 -21.18 -18.88
N ASN A 483 -4.05 -20.73 -18.99
CA ASN A 483 -3.71 -19.32 -18.97
C ASN A 483 -2.23 -19.21 -19.32
N SER A 484 -1.83 -18.04 -19.80
CA SER A 484 -0.44 -17.79 -20.19
C SER A 484 -0.31 -16.34 -20.61
N GLN A 485 0.95 -15.90 -20.74
CA GLN A 485 1.27 -14.58 -21.25
C GLN A 485 2.74 -14.56 -21.64
N PRO A 486 3.12 -13.81 -22.66
CA PRO A 486 4.54 -13.72 -23.03
C PRO A 486 5.29 -12.68 -22.21
N ASN A 487 6.59 -12.93 -22.04
CA ASN A 487 7.45 -11.96 -21.38
C ASN A 487 7.73 -10.82 -22.34
N ILE A 488 7.57 -9.59 -21.86
CA ILE A 488 7.72 -8.40 -22.68
C ILE A 488 8.60 -7.40 -21.95
N ASN A 489 9.50 -6.76 -22.70
CA ASN A 489 10.36 -5.71 -22.20
C ASN A 489 9.60 -4.38 -22.32
N GLY A 490 10.29 -3.25 -22.30
CA GLY A 490 9.60 -1.99 -22.43
C GLY A 490 8.91 -1.90 -23.78
N LYS A 491 7.66 -1.44 -23.76
CA LYS A 491 6.85 -1.26 -24.96
C LYS A 491 5.95 -0.07 -24.72
N PRO A 492 5.80 0.83 -25.70
CA PRO A 492 4.85 1.93 -25.53
C PRO A 492 3.51 1.42 -25.00
N SER A 493 2.89 2.22 -24.13
CA SER A 493 1.58 1.86 -23.63
C SER A 493 0.49 1.96 -24.69
N SER A 494 0.77 2.59 -25.82
CA SER A 494 -0.17 2.70 -26.92
C SER A 494 -0.12 1.49 -27.86
N ASP A 495 0.72 0.51 -27.58
CA ASP A 495 0.82 -0.65 -28.45
C ASP A 495 -0.56 -1.31 -28.56
N PRO A 496 -1.07 -1.53 -29.78
CA PRO A 496 -2.43 -2.07 -29.90
C PRO A 496 -2.59 -3.47 -29.32
N ILE A 497 -1.51 -4.22 -29.19
CA ILE A 497 -1.60 -5.62 -28.76
C ILE A 497 -1.48 -5.73 -27.24
N VAL A 498 -0.46 -5.10 -26.66
CA VAL A 498 -0.11 -5.30 -25.26
C VAL A 498 -0.21 -4.02 -24.45
N GLY A 499 -0.63 -2.93 -25.04
CA GLY A 499 -0.63 -1.67 -24.32
C GLY A 499 -1.86 -1.46 -23.47
N TRP A 500 -1.70 -0.62 -22.45
CA TRP A 500 -2.75 -0.32 -21.50
C TRP A 500 -2.29 0.88 -20.68
N GLY A 501 -3.22 1.46 -19.94
CA GLY A 501 -2.88 2.49 -18.98
C GLY A 501 -2.70 3.85 -19.63
N PRO A 502 -2.32 4.84 -18.83
CA PRO A 502 -2.08 6.18 -19.38
C PRO A 502 -1.10 6.15 -20.54
N SER A 503 -1.44 6.88 -21.60
CA SER A 503 -0.58 6.95 -22.77
C SER A 503 0.79 7.50 -22.39
N GLY A 504 1.78 7.19 -23.22
CA GLY A 504 3.13 7.64 -22.99
C GLY A 504 3.87 6.91 -21.88
N GLY A 505 3.36 5.77 -21.44
CA GLY A 505 4.06 4.91 -20.51
C GLY A 505 4.79 3.78 -21.19
N TYR A 506 5.43 2.95 -20.37
CA TYR A 506 6.09 1.72 -20.83
C TYR A 506 5.54 0.56 -20.02
N VAL A 507 5.22 -0.53 -20.70
CA VAL A 507 4.54 -1.68 -20.10
C VAL A 507 5.46 -2.89 -20.18
N PHE A 508 5.48 -3.67 -19.12
CA PHE A 508 6.37 -4.82 -18.99
C PHE A 508 5.56 -6.04 -18.57
N GLN A 509 5.99 -7.21 -19.00
CA GLN A 509 5.33 -8.46 -18.64
C GLN A 509 6.36 -9.55 -18.38
N LYS A 510 6.02 -10.45 -17.46
CA LYS A 510 6.78 -11.66 -17.18
C LYS A 510 6.01 -12.84 -17.75
N ALA A 511 6.71 -13.73 -18.44
CA ALA A 511 6.04 -14.91 -18.99
C ALA A 511 5.61 -15.84 -17.88
N TYR A 512 4.43 -16.44 -18.04
CA TYR A 512 3.92 -17.39 -17.06
C TYR A 512 3.00 -18.37 -17.76
N LEU A 513 2.73 -19.49 -17.09
CA LEU A 513 2.02 -20.61 -17.71
C LEU A 513 1.22 -21.35 -16.63
N GLU A 514 -0.10 -21.29 -16.73
CA GLU A 514 -0.99 -22.08 -15.89
C GLU A 514 -1.43 -23.31 -16.68
N PHE A 515 -1.26 -24.49 -16.10
CA PHE A 515 -1.54 -25.71 -16.84
C PHE A 515 -1.71 -26.88 -15.89
N PHE A 516 -2.59 -27.80 -16.28
CA PHE A 516 -2.72 -29.10 -15.61
C PHE A 516 -1.73 -30.09 -16.22
N THR A 517 -1.35 -31.09 -15.44
CA THR A 517 -0.44 -32.12 -15.92
C THR A 517 -0.69 -33.43 -15.18
N SER A 518 -0.29 -34.52 -15.81
CA SER A 518 -0.27 -35.82 -15.14
C SER A 518 0.75 -35.80 -14.01
N ARG A 519 0.47 -36.58 -12.97
CA ARG A 519 1.38 -36.64 -11.83
C ARG A 519 2.80 -36.97 -12.28
N GLU A 520 2.93 -37.88 -13.25
CA GLU A 520 4.26 -38.22 -13.76
C GLU A 520 4.93 -37.01 -14.39
N THR A 521 4.20 -36.31 -15.26
CA THR A 521 4.72 -35.07 -15.85
C THR A 521 5.04 -34.06 -14.76
N ALA A 522 4.19 -33.96 -13.74
CA ALA A 522 4.44 -33.02 -12.65
C ALA A 522 5.76 -33.32 -11.96
N GLU A 523 6.02 -34.60 -11.63
CA GLU A 523 7.27 -34.95 -10.96
C GLU A 523 8.47 -34.69 -11.88
N ALA A 524 8.34 -34.99 -13.17
CA ALA A 524 9.44 -34.72 -14.08
C ALA A 524 9.73 -33.23 -14.16
N LEU A 525 8.66 -32.42 -14.18
CA LEU A 525 8.82 -30.97 -14.17
C LEU A 525 9.50 -30.50 -12.89
N LEU A 526 9.13 -31.09 -11.75
CA LEU A 526 9.79 -30.73 -10.49
C LEU A 526 11.28 -31.01 -10.56
N GLN A 527 11.64 -32.20 -11.03
CA GLN A 527 13.06 -32.53 -11.18
C GLN A 527 13.77 -31.55 -12.10
N VAL A 528 13.16 -31.26 -13.26
CA VAL A 528 13.84 -30.41 -14.23
C VAL A 528 14.03 -29.00 -13.69
N LEU A 529 13.03 -28.47 -12.97
CA LEU A 529 13.11 -27.08 -12.52
C LEU A 529 14.34 -26.80 -11.66
N LYS A 530 14.91 -27.83 -11.02
CA LYS A 530 16.02 -27.60 -10.10
C LYS A 530 17.11 -26.72 -10.72
N LYS A 531 17.32 -26.82 -12.02
CA LYS A 531 18.35 -26.02 -12.69
C LYS A 531 17.83 -24.66 -13.12
N TYR A 532 16.53 -24.41 -13.07
CA TYR A 532 15.96 -23.08 -13.30
C TYR A 532 15.44 -22.44 -12.01
N GLU A 533 15.88 -22.93 -10.85
CA GLU A 533 15.32 -22.43 -9.59
C GLU A 533 15.47 -20.92 -9.47
N LEU A 534 16.62 -20.38 -9.84
CA LEU A 534 16.87 -18.96 -9.62
C LEU A 534 15.88 -18.10 -10.40
N ARG A 535 15.67 -18.41 -11.69
CA ARG A 535 14.92 -17.52 -12.56
C ARG A 535 13.46 -17.91 -12.74
N VAL A 536 13.07 -19.14 -12.40
CA VAL A 536 11.71 -19.63 -12.61
C VAL A 536 11.05 -19.83 -11.25
N ASN A 537 9.92 -19.15 -11.04
CA ASN A 537 9.07 -19.39 -9.89
C ASN A 537 7.92 -20.32 -10.30
N TYR A 538 7.61 -21.29 -9.44
CA TYR A 538 6.59 -22.27 -9.76
C TYR A 538 5.73 -22.56 -8.55
N HIS A 539 4.44 -22.77 -8.78
CA HIS A 539 3.52 -23.33 -7.80
C HIS A 539 2.87 -24.58 -8.39
N LEU A 540 2.86 -25.65 -7.61
CA LEU A 540 2.14 -26.87 -7.97
C LEU A 540 1.24 -27.26 -6.81
N VAL A 541 0.00 -27.66 -7.12
CA VAL A 541 -0.94 -28.07 -6.10
C VAL A 541 -1.86 -29.13 -6.68
N ASN A 542 -2.23 -30.09 -5.84
CA ASN A 542 -3.17 -31.15 -6.19
C ASN A 542 -4.54 -30.86 -5.57
N VAL A 543 -5.56 -31.54 -6.11
CA VAL A 543 -6.90 -31.40 -5.55
C VAL A 543 -6.93 -31.86 -4.10
N LYS A 544 -6.04 -32.79 -3.73
CA LYS A 544 -5.95 -33.21 -2.34
C LYS A 544 -5.49 -32.09 -1.42
N GLY A 545 -4.90 -31.03 -1.99
CA GLY A 545 -4.41 -29.91 -1.22
C GLY A 545 -2.90 -29.88 -1.06
N GLU A 546 -2.21 -30.97 -1.36
CA GLU A 546 -0.75 -30.96 -1.31
C GLU A 546 -0.22 -29.88 -2.25
N ASN A 547 0.68 -29.05 -1.73
CA ASN A 547 1.17 -27.88 -2.45
C ASN A 547 2.68 -27.85 -2.39
N ILE A 548 3.33 -27.58 -3.52
CA ILE A 548 4.77 -27.43 -3.62
C ILE A 548 5.07 -26.12 -4.32
N THR A 549 5.89 -25.28 -3.69
CA THR A 549 6.20 -23.97 -4.22
C THR A 549 7.56 -23.51 -3.71
N ASN A 550 8.28 -22.79 -4.57
CA ASN A 550 9.53 -22.15 -4.19
C ASN A 550 9.38 -20.65 -3.98
N ALA A 551 8.24 -20.07 -4.38
CA ALA A 551 7.98 -18.66 -4.13
C ALA A 551 7.80 -18.41 -2.64
N PRO A 552 7.90 -17.15 -2.21
CA PRO A 552 7.68 -16.84 -0.79
C PRO A 552 6.28 -17.24 -0.35
N GLU A 553 6.17 -17.59 0.94
CA GLU A 553 4.92 -18.15 1.45
C GLU A 553 3.73 -17.25 1.17
N LEU A 554 3.91 -15.93 1.30
CA LEU A 554 2.78 -15.02 1.16
C LEU A 554 3.11 -13.75 0.36
N GLN A 555 4.31 -13.63 -0.19
CA GLN A 555 4.62 -12.46 -1.01
C GLN A 555 4.05 -12.66 -2.41
N PRO A 556 3.21 -11.74 -2.90
CA PRO A 556 2.73 -11.83 -4.29
C PRO A 556 3.82 -11.48 -5.30
N ASN A 557 4.07 -12.40 -6.22
CA ASN A 557 5.02 -12.16 -7.32
C ASN A 557 4.39 -11.26 -8.36
N ALA A 558 4.95 -10.07 -8.56
CA ALA A 558 4.45 -9.16 -9.57
C ALA A 558 4.83 -9.67 -10.96
N VAL A 559 3.85 -9.65 -11.88
CA VAL A 559 4.06 -10.22 -13.20
C VAL A 559 3.79 -9.22 -14.32
N THR A 560 3.01 -8.16 -14.08
CA THR A 560 2.79 -7.12 -15.08
C THR A 560 2.85 -5.78 -14.38
N TRP A 561 3.55 -4.82 -14.99
CA TRP A 561 3.68 -3.49 -14.42
C TRP A 561 3.93 -2.51 -15.56
N GLY A 562 3.69 -1.24 -15.27
CA GLY A 562 3.85 -0.19 -16.25
C GLY A 562 4.47 1.05 -15.64
N ILE A 563 5.25 1.75 -16.46
CA ILE A 563 5.92 2.99 -16.06
C ILE A 563 5.18 4.14 -16.75
N PHE A 564 4.60 5.03 -15.96
CA PHE A 564 3.82 6.12 -16.50
C PHE A 564 4.28 7.46 -15.94
N PRO A 565 4.16 8.54 -16.71
CA PRO A 565 4.64 9.84 -16.22
C PRO A 565 3.94 10.27 -14.94
N GLY A 566 4.72 10.82 -14.02
CA GLY A 566 4.15 11.41 -12.82
C GLY A 566 3.23 10.49 -12.04
N ARG A 567 3.56 9.21 -11.96
CA ARG A 567 2.70 8.25 -11.28
C ARG A 567 3.53 7.10 -10.75
N GLU A 568 3.04 6.50 -9.66
CA GLU A 568 3.66 5.32 -9.11
C GLU A 568 3.63 4.16 -10.11
N ILE A 569 4.28 3.07 -9.75
CA ILE A 569 4.35 1.90 -10.60
C ILE A 569 3.05 1.11 -10.44
N ILE A 570 2.31 0.94 -11.52
CA ILE A 570 1.06 0.20 -11.50
C ILE A 570 1.37 -1.28 -11.71
N GLN A 571 0.64 -2.14 -10.99
CA GLN A 571 0.86 -3.59 -11.00
C GLN A 571 -0.46 -4.30 -11.28
N PRO A 572 -0.93 -4.27 -12.53
CA PRO A 572 -2.25 -4.88 -12.82
C PRO A 572 -2.34 -6.35 -12.49
N THR A 573 -1.30 -7.14 -12.76
CA THR A 573 -1.39 -8.59 -12.70
C THR A 573 -0.38 -9.12 -11.69
N VAL A 574 -0.84 -10.02 -10.84
CA VAL A 574 -0.05 -10.57 -9.74
C VAL A 574 -0.24 -12.08 -9.70
N VAL A 575 0.83 -12.80 -9.40
CA VAL A 575 0.74 -14.20 -9.00
C VAL A 575 0.95 -14.24 -7.49
N ASP A 576 -0.06 -14.73 -6.77
CA ASP A 576 -0.08 -14.68 -5.32
C ASP A 576 -0.47 -16.05 -4.79
N PRO A 577 0.34 -16.66 -3.91
CA PRO A 577 -0.04 -17.99 -3.40
C PRO A 577 -1.41 -18.01 -2.75
N VAL A 578 -1.80 -16.94 -2.05
CA VAL A 578 -3.09 -16.93 -1.36
C VAL A 578 -4.23 -17.00 -2.37
N SER A 579 -4.21 -16.13 -3.38
CA SER A 579 -5.24 -16.18 -4.40
C SER A 579 -5.20 -17.49 -5.17
N PHE A 580 -4.00 -17.92 -5.54
CA PHE A 580 -3.85 -19.17 -6.28
C PHE A 580 -4.31 -20.37 -5.48
N MET A 581 -3.95 -20.41 -4.18
CA MET A 581 -4.22 -21.61 -3.39
C MET A 581 -5.70 -21.94 -3.31
N PHE A 582 -6.57 -20.96 -3.06
CA PHE A 582 -7.99 -21.27 -3.06
C PHE A 582 -8.57 -21.32 -4.46
N TRP A 583 -7.95 -20.64 -5.43
CA TRP A 583 -8.41 -20.75 -6.81
C TRP A 583 -8.44 -22.19 -7.29
N LYS A 584 -7.56 -23.04 -6.76
CA LYS A 584 -7.51 -24.44 -7.19
C LYS A 584 -8.87 -25.09 -7.05
N ASP A 585 -9.59 -24.77 -5.97
CA ASP A 585 -10.87 -25.43 -5.72
C ASP A 585 -11.85 -25.15 -6.85
N GLU A 586 -11.92 -23.91 -7.31
CA GLU A 586 -12.74 -23.59 -8.48
C GLU A 586 -12.26 -24.35 -9.71
N ALA A 587 -10.95 -24.29 -9.97
CA ALA A 587 -10.41 -24.90 -11.20
C ALA A 587 -10.64 -26.41 -11.21
N PHE A 588 -10.34 -27.09 -10.11
CA PHE A 588 -10.57 -28.53 -10.05
C PHE A 588 -12.05 -28.86 -10.06
N ALA A 589 -12.86 -28.09 -9.32
CA ALA A 589 -14.29 -28.36 -9.30
C ALA A 589 -14.89 -28.33 -10.69
N LEU A 590 -14.37 -27.44 -11.55
CA LEU A 590 -14.90 -27.31 -12.90
C LEU A 590 -14.76 -28.60 -13.69
N TRP A 591 -13.75 -29.42 -13.40
CA TRP A 591 -13.58 -30.68 -14.13
C TRP A 591 -14.81 -31.56 -14.02
N ILE A 592 -15.28 -31.80 -12.79
CA ILE A 592 -16.40 -32.71 -12.57
C ILE A 592 -17.75 -32.00 -12.63
N GLU A 593 -17.75 -30.67 -12.56
CA GLU A 593 -19.00 -29.90 -12.56
C GLU A 593 -19.45 -29.55 -13.97
N GLN A 594 -18.53 -29.01 -14.78
CA GLN A 594 -18.88 -28.55 -16.12
C GLN A 594 -18.66 -29.61 -17.18
N TRP A 595 -17.60 -30.40 -17.05
CA TRP A 595 -17.28 -31.45 -18.02
C TRP A 595 -17.84 -32.81 -17.60
N GLY A 596 -17.64 -33.18 -16.34
CA GLY A 596 -18.06 -34.50 -15.89
C GLY A 596 -19.56 -34.72 -16.01
N LYS A 597 -20.36 -33.74 -15.58
CA LYS A 597 -21.81 -33.90 -15.58
C LYS A 597 -22.35 -34.22 -16.97
N LEU A 598 -21.66 -33.76 -18.02
CA LEU A 598 -22.11 -34.04 -19.38
C LEU A 598 -22.17 -35.54 -19.67
N TYR A 599 -21.45 -36.36 -18.91
CA TYR A 599 -21.42 -37.80 -19.11
C TYR A 599 -22.11 -38.49 -17.94
N GLU A 600 -22.65 -39.68 -18.22
CA GLU A 600 -23.42 -40.40 -17.21
C GLU A 600 -22.50 -40.82 -16.06
N GLU A 601 -23.11 -41.42 -15.03
CA GLU A 601 -22.34 -41.75 -13.84
C GLU A 601 -21.46 -42.98 -14.05
N GLU A 602 -21.90 -43.93 -14.87
CA GLU A 602 -21.13 -45.13 -15.16
C GLU A 602 -20.38 -45.07 -16.48
N SER A 603 -20.59 -44.03 -17.29
CA SER A 603 -19.96 -43.97 -18.59
C SER A 603 -18.44 -43.92 -18.45
N PRO A 604 -17.70 -44.56 -19.36
CA PRO A 604 -16.23 -44.46 -19.29
C PRO A 604 -15.72 -43.02 -19.34
N SER A 605 -16.39 -42.14 -20.08
CA SER A 605 -15.99 -40.74 -20.12
C SER A 605 -15.97 -40.15 -18.72
N ARG A 606 -16.98 -40.46 -17.90
CA ARG A 606 -17.00 -39.98 -16.54
C ARG A 606 -15.81 -40.50 -15.75
N THR A 607 -15.45 -41.78 -15.95
CA THR A 607 -14.28 -42.32 -15.28
C THR A 607 -13.01 -41.59 -15.69
N ILE A 608 -12.86 -41.30 -16.99
CA ILE A 608 -11.69 -40.56 -17.46
C ILE A 608 -11.62 -39.19 -16.79
N ILE A 609 -12.74 -38.47 -16.79
CA ILE A 609 -12.77 -37.13 -16.21
C ILE A 609 -12.46 -37.19 -14.72
N GLN A 610 -12.99 -38.20 -14.03
CA GLN A 610 -12.71 -38.35 -12.61
C GLN A 610 -11.24 -38.64 -12.36
N TYR A 611 -10.65 -39.51 -13.18
CA TYR A 611 -9.21 -39.77 -13.07
C TYR A 611 -8.42 -38.49 -13.20
N ILE A 612 -8.73 -37.69 -14.22
CA ILE A 612 -8.03 -36.42 -14.43
C ILE A 612 -8.21 -35.52 -13.22
N HIS A 613 -9.46 -35.36 -12.77
CA HIS A 613 -9.74 -34.48 -11.64
C HIS A 613 -9.02 -34.94 -10.38
N ASP A 614 -8.80 -36.24 -10.23
CA ASP A 614 -8.20 -36.75 -9.01
C ASP A 614 -6.68 -36.66 -9.03
N ASN A 615 -6.05 -36.98 -10.15
CA ASN A 615 -4.60 -37.14 -10.21
C ASN A 615 -3.87 -35.92 -10.77
N TYR A 616 -4.44 -35.24 -11.76
CA TYR A 616 -3.72 -34.15 -12.42
C TYR A 616 -3.43 -33.02 -11.44
N PHE A 617 -2.20 -32.53 -11.48
CA PHE A 617 -1.79 -31.37 -10.71
C PHE A 617 -2.23 -30.08 -11.40
N LEU A 618 -2.39 -29.02 -10.60
CA LEU A 618 -2.50 -27.66 -11.12
C LEU A 618 -1.16 -26.96 -10.92
N VAL A 619 -0.62 -26.39 -12.01
CA VAL A 619 0.72 -25.83 -12.01
C VAL A 619 0.68 -24.39 -12.48
N ASN A 620 1.63 -23.59 -11.98
CA ASN A 620 1.74 -22.19 -12.34
C ASN A 620 3.22 -21.82 -12.36
N LEU A 621 3.77 -21.56 -13.55
CA LEU A 621 5.17 -21.20 -13.71
C LEU A 621 5.28 -19.75 -14.13
N VAL A 622 6.31 -19.07 -13.63
CA VAL A 622 6.61 -17.69 -14.01
C VAL A 622 8.10 -17.59 -14.31
N ASP A 623 8.43 -16.90 -15.41
CA ASP A 623 9.81 -16.63 -15.78
C ASP A 623 10.18 -15.21 -15.37
N ASN A 624 11.15 -15.09 -14.48
CA ASN A 624 11.51 -13.80 -13.92
C ASN A 624 12.45 -13.00 -14.81
N ASP A 625 13.21 -13.67 -15.69
CA ASP A 625 14.18 -13.00 -16.55
C ASP A 625 13.49 -12.40 -17.78
N PHE A 626 12.61 -11.44 -17.52
CA PHE A 626 11.78 -10.89 -18.58
C PHE A 626 12.54 -10.21 -19.72
N PRO A 627 13.77 -9.70 -19.57
CA PRO A 627 14.47 -9.13 -20.72
C PRO A 627 15.18 -10.16 -21.59
N LEU A 628 14.93 -11.45 -21.37
CA LEU A 628 15.55 -12.52 -22.13
C LEU A 628 14.47 -13.35 -22.81
N ASP A 629 14.90 -14.27 -23.66
CA ASP A 629 13.96 -15.15 -24.33
C ASP A 629 13.21 -16.01 -23.33
N ASN A 630 11.94 -16.28 -23.64
CA ASN A 630 11.07 -17.03 -22.75
C ASN A 630 11.58 -18.45 -22.60
N CYS A 631 12.05 -18.81 -21.41
CA CYS A 631 12.60 -20.14 -21.18
C CYS A 631 11.53 -21.18 -20.86
N LEU A 632 10.29 -20.77 -20.62
CA LEU A 632 9.26 -21.74 -20.25
C LEU A 632 9.13 -22.83 -21.30
N TRP A 633 9.21 -22.46 -22.57
CA TRP A 633 9.22 -23.47 -23.63
C TRP A 633 10.36 -24.47 -23.42
N GLN A 634 11.56 -23.96 -23.15
CA GLN A 634 12.71 -24.84 -22.99
C GLN A 634 12.53 -25.77 -21.79
N VAL A 635 12.08 -25.23 -20.65
CA VAL A 635 11.93 -26.06 -19.46
C VAL A 635 10.87 -27.14 -19.69
N VAL A 636 9.76 -26.77 -20.37
CA VAL A 636 8.76 -27.78 -20.70
C VAL A 636 9.34 -28.84 -21.61
N GLU A 637 10.13 -28.42 -22.61
CA GLU A 637 10.72 -29.39 -23.54
C GLU A 637 11.64 -30.35 -22.82
N ASP A 638 12.45 -29.85 -21.88
CA ASP A 638 13.33 -30.75 -21.13
C ASP A 638 12.55 -31.59 -20.13
N THR A 639 11.41 -31.10 -19.67
CA THR A 639 10.51 -31.93 -18.87
C THR A 639 10.03 -33.13 -19.68
N LEU A 640 9.60 -32.88 -20.91
CA LEU A 640 9.16 -33.98 -21.77
C LEU A 640 10.33 -34.91 -22.09
N GLU A 641 11.51 -34.34 -22.37
CA GLU A 641 12.66 -35.18 -22.69
C GLU A 641 13.04 -36.09 -21.52
N LEU A 642 12.99 -35.55 -20.29
CA LEU A 642 13.27 -36.39 -19.13
C LEU A 642 12.24 -37.50 -19.01
N LEU A 643 10.96 -37.14 -19.10
CA LEU A 643 9.89 -38.12 -18.97
C LEU A 643 9.93 -39.14 -20.09
N ASN A 644 9.77 -38.68 -21.33
CA ASN A 644 9.60 -39.60 -22.46
C ASN A 644 10.66 -40.69 -22.51
N ARG B 44 1.19 3.33 38.85
CA ARG B 44 2.39 4.15 38.44
C ARG B 44 3.36 3.28 37.65
N LEU B 45 4.20 3.94 36.85
CA LEU B 45 5.17 3.20 36.03
C LEU B 45 6.23 2.53 36.90
N ARG B 46 6.84 3.30 37.82
CA ARG B 46 7.84 2.71 38.70
C ARG B 46 7.27 1.53 39.45
N GLU B 47 6.03 1.65 39.92
CA GLU B 47 5.40 0.58 40.69
C GLU B 47 5.35 -0.70 39.90
N LYS B 48 4.73 -0.68 38.73
CA LYS B 48 4.65 -1.87 37.89
C LYS B 48 6.04 -2.40 37.54
N MET B 49 7.00 -1.52 37.25
CA MET B 49 8.34 -2.01 36.94
C MET B 49 8.94 -2.77 38.12
N ARG B 50 8.68 -2.32 39.35
CA ARG B 50 9.22 -3.02 40.50
C ARG B 50 8.43 -4.30 40.81
N ARG B 51 7.13 -4.28 40.56
CA ARG B 51 6.29 -5.47 40.73
C ARG B 51 6.51 -6.48 39.60
N ARG B 52 7.28 -6.10 38.59
CA ARG B 52 7.74 -6.98 37.53
C ARG B 52 9.13 -7.52 37.85
N LEU B 53 10.02 -6.64 38.32
CA LEU B 53 11.36 -7.08 38.71
C LEU B 53 11.29 -8.09 39.85
N GLU B 54 10.47 -7.82 40.87
CA GLU B 54 10.41 -8.72 42.01
C GLU B 54 9.84 -10.07 41.63
N SER B 55 9.02 -10.14 40.58
CA SER B 55 8.50 -11.41 40.09
C SER B 55 9.44 -12.11 39.11
N GLY B 56 10.53 -11.45 38.70
CA GLY B 56 11.42 -12.00 37.70
C GLY B 56 10.93 -11.88 36.27
N ASP B 57 9.89 -11.11 36.02
CA ASP B 57 9.43 -10.90 34.65
C ASP B 57 10.39 -9.98 33.90
N LYS B 58 10.61 -10.29 32.62
CA LYS B 58 11.39 -9.45 31.73
C LYS B 58 10.46 -8.75 30.75
N TRP B 59 10.72 -7.48 30.50
CA TRP B 59 9.88 -6.63 29.67
C TRP B 59 10.73 -5.89 28.65
N PHE B 60 10.05 -5.29 27.66
CA PHE B 60 10.70 -4.51 26.62
C PHE B 60 9.92 -3.23 26.39
N SER B 61 10.61 -2.23 25.82
CA SER B 61 10.03 -0.93 25.55
C SER B 61 10.46 -0.47 24.16
N LEU B 62 9.65 0.41 23.57
CA LEU B 62 9.82 0.84 22.18
C LEU B 62 9.87 2.36 22.13
N GLU B 63 10.83 2.89 21.36
CA GLU B 63 11.01 4.33 21.22
C GLU B 63 10.70 4.75 19.80
N PHE B 64 9.81 5.73 19.65
CA PHE B 64 9.41 6.28 18.37
C PHE B 64 9.67 7.78 18.33
N PHE B 65 9.76 8.32 17.11
CA PHE B 65 9.94 9.75 16.92
C PHE B 65 8.78 10.34 16.12
N PRO B 66 8.37 11.57 16.41
CA PRO B 66 7.23 12.19 15.69
C PRO B 66 7.45 12.14 14.19
N PRO B 67 6.52 11.53 13.43
CA PRO B 67 6.64 11.55 11.96
C PRO B 67 6.57 12.97 11.42
N ARG B 68 7.30 13.20 10.33
CA ARG B 68 7.34 14.51 9.69
C ARG B 68 6.00 14.93 9.07
N THR B 69 5.07 14.00 8.86
CA THR B 69 3.88 14.27 8.07
C THR B 69 2.65 13.65 8.70
N ALA B 70 1.49 14.25 8.43
CA ALA B 70 0.26 13.89 9.11
C ALA B 70 -0.10 12.42 8.87
N GLU B 71 -0.22 12.03 7.59
CA GLU B 71 -0.47 10.62 7.31
C GLU B 71 0.62 9.74 7.92
N GLY B 72 1.82 10.29 8.07
CA GLY B 72 2.83 9.63 8.88
C GLY B 72 2.37 9.41 10.31
N ALA B 73 1.71 10.41 10.90
CA ALA B 73 1.17 10.26 12.25
C ALA B 73 0.09 9.18 12.29
N VAL B 74 -0.79 9.15 11.29
CA VAL B 74 -1.84 8.12 11.25
C VAL B 74 -1.21 6.74 11.18
N ASN B 75 -0.24 6.56 10.29
CA ASN B 75 0.43 5.27 10.17
C ASN B 75 1.19 4.92 11.44
N LEU B 76 1.77 5.92 12.11
CA LEU B 76 2.41 5.68 13.39
C LEU B 76 1.40 5.14 14.41
N ILE B 77 0.21 5.74 14.47
CA ILE B 77 -0.80 5.26 15.40
C ILE B 77 -1.18 3.82 15.07
N SER B 78 -1.29 3.51 13.78
CA SER B 78 -1.56 2.12 13.38
C SER B 78 -0.43 1.20 13.87
N ARG B 79 0.81 1.62 13.69
CA ARG B 79 1.95 0.86 14.21
C ARG B 79 1.84 0.66 15.71
N PHE B 80 1.48 1.71 16.44
CA PHE B 80 1.28 1.58 17.89
C PHE B 80 0.28 0.48 18.20
N ASP B 81 -0.89 0.55 17.55
CA ASP B 81 -1.93 -0.46 17.78
C ASP B 81 -1.42 -1.86 17.51
N ARG B 82 -0.71 -2.03 16.39
CA ARG B 82 -0.27 -3.37 16.00
C ARG B 82 0.83 -3.89 16.92
N MET B 83 1.78 -3.03 17.28
CA MET B 83 2.88 -3.43 18.16
C MET B 83 2.41 -3.70 19.58
N ALA B 84 1.35 -3.03 20.02
CA ALA B 84 0.87 -3.22 21.38
C ALA B 84 0.50 -4.67 21.66
N ALA B 85 0.17 -5.44 20.62
CA ALA B 85 -0.13 -6.86 20.82
C ALA B 85 1.08 -7.63 21.36
N GLY B 86 2.29 -7.10 21.19
CA GLY B 86 3.46 -7.68 21.83
C GLY B 86 3.47 -7.48 23.33
N GLY B 87 2.75 -6.48 23.83
CA GLY B 87 2.75 -6.14 25.23
C GLY B 87 4.01 -5.44 25.71
N PRO B 88 4.38 -4.35 25.04
CA PRO B 88 5.45 -3.51 25.58
C PRO B 88 5.05 -2.89 26.91
N LEU B 89 6.01 -2.78 27.83
CA LEU B 89 5.73 -2.12 29.09
C LEU B 89 5.37 -0.67 28.88
N TYR B 90 6.21 0.06 28.13
CA TYR B 90 5.92 1.44 27.77
C TYR B 90 6.57 1.77 26.44
N ILE B 91 5.93 2.68 25.71
CA ILE B 91 6.54 3.35 24.57
C ILE B 91 6.97 4.74 25.02
N ASP B 92 7.94 5.32 24.32
CA ASP B 92 8.28 6.73 24.50
C ASP B 92 8.42 7.41 23.15
N VAL B 93 8.10 8.70 23.13
CA VAL B 93 8.10 9.52 21.92
C VAL B 93 9.25 10.52 22.05
N THR B 94 10.19 10.46 21.11
CA THR B 94 11.32 11.38 21.12
C THR B 94 10.83 12.82 21.07
N TRP B 95 11.60 13.70 21.72
CA TRP B 95 11.32 15.14 21.78
C TRP B 95 12.44 15.83 21.00
N HIS B 96 12.14 16.23 19.77
CA HIS B 96 13.13 16.86 18.90
C HIS B 96 12.96 18.36 18.95
N PRO B 97 13.87 19.11 19.56
CA PRO B 97 13.73 20.58 19.60
C PRO B 97 13.52 21.23 18.24
N ALA B 98 14.12 20.69 17.17
CA ALA B 98 14.09 21.37 15.88
C ALA B 98 12.66 21.61 15.42
N GLY B 99 11.82 20.57 15.45
CA GLY B 99 10.49 20.69 14.88
C GLY B 99 9.45 21.09 15.90
N ASP B 100 9.61 22.29 16.47
CA ASP B 100 8.71 22.88 17.45
C ASP B 100 7.98 21.80 18.24
N PRO B 101 8.68 21.00 19.06
CA PRO B 101 8.04 19.83 19.65
C PRO B 101 6.84 20.17 20.52
N GLY B 102 6.88 21.30 21.22
CA GLY B 102 5.80 21.66 22.11
C GLY B 102 4.71 22.45 21.42
N SER B 103 4.36 22.07 20.19
CA SER B 103 3.34 22.75 19.41
C SER B 103 2.03 21.98 19.53
N ASP B 104 1.07 22.31 18.65
CA ASP B 104 -0.25 21.70 18.71
C ASP B 104 -0.64 21.02 17.40
N LYS B 105 0.27 20.95 16.42
CA LYS B 105 -0.02 20.23 15.19
C LYS B 105 -0.03 18.73 15.45
N GLU B 106 -0.44 17.98 14.43
CA GLU B 106 -0.50 16.53 14.53
C GLU B 106 0.87 15.87 14.48
N THR B 107 1.92 16.62 14.15
CA THR B 107 3.28 16.10 14.16
C THR B 107 3.96 16.28 15.51
N SER B 108 3.48 17.18 16.36
CA SER B 108 4.14 17.47 17.62
C SER B 108 4.28 16.21 18.46
N SER B 109 5.48 16.01 19.01
CA SER B 109 5.72 14.87 19.89
C SER B 109 4.72 14.84 21.03
N MET B 110 4.46 15.99 21.64
CA MET B 110 3.43 16.11 22.68
C MET B 110 2.16 15.36 22.29
N MET B 111 1.58 15.73 21.15
CA MET B 111 0.31 15.14 20.72
C MET B 111 0.46 13.68 20.29
N ILE B 112 1.60 13.29 19.71
CA ILE B 112 1.80 11.87 19.44
C ILE B 112 1.69 11.06 20.73
N ALA B 113 2.42 11.50 21.76
CA ALA B 113 2.33 10.84 23.06
C ALA B 113 0.91 10.87 23.61
N SER B 114 0.25 12.03 23.53
CA SER B 114 -1.10 12.15 24.06
C SER B 114 -2.06 11.20 23.38
N THR B 115 -1.96 11.08 22.06
CA THR B 115 -2.81 10.16 21.33
C THR B 115 -2.49 8.71 21.69
N ALA B 116 -1.20 8.39 21.86
CA ALA B 116 -0.85 7.03 22.23
C ALA B 116 -1.42 6.66 23.59
N VAL B 117 -1.38 7.59 24.54
CA VAL B 117 -1.81 7.27 25.90
C VAL B 117 -3.33 7.26 25.99
N ASN B 118 -4.00 8.21 25.34
CA ASN B 118 -5.46 8.25 25.43
C ASN B 118 -6.09 7.18 24.53
N TYR B 119 -5.84 7.26 23.22
CA TYR B 119 -6.52 6.38 22.29
C TYR B 119 -5.94 4.97 22.36
N CYS B 120 -4.60 4.83 22.36
CA CYS B 120 -4.01 3.51 22.33
C CYS B 120 -3.90 2.89 23.73
N GLY B 121 -3.86 3.71 24.78
CA GLY B 121 -3.70 3.21 26.13
C GLY B 121 -2.30 2.77 26.51
N LEU B 122 -1.31 2.98 25.64
CA LEU B 122 0.04 2.53 25.94
C LEU B 122 0.75 3.53 26.83
N GLU B 123 1.43 3.04 27.86
CA GLU B 123 2.25 3.88 28.72
C GLU B 123 3.24 4.68 27.88
N THR B 124 3.21 6.00 28.02
CA THR B 124 3.99 6.88 27.15
C THR B 124 4.83 7.84 27.98
N ILE B 125 6.13 7.85 27.72
CA ILE B 125 7.05 8.80 28.34
C ILE B 125 7.38 9.88 27.31
N LEU B 126 7.13 11.14 27.68
CA LEU B 126 7.48 12.27 26.83
C LEU B 126 8.87 12.78 27.20
N HIS B 127 9.80 12.74 26.24
CA HIS B 127 11.13 13.30 26.43
C HIS B 127 11.09 14.82 26.54
N MET B 128 12.03 15.38 27.32
CA MET B 128 12.15 16.82 27.49
C MET B 128 13.59 17.26 27.35
N THR B 129 13.77 18.48 26.82
CA THR B 129 15.08 19.10 26.66
C THR B 129 15.08 20.48 27.31
N CYS B 130 16.29 20.97 27.61
CA CYS B 130 16.48 22.24 28.31
C CYS B 130 17.15 23.32 27.48
N CYS B 131 18.16 22.97 26.68
CA CYS B 131 18.93 23.93 25.91
C CYS B 131 18.09 25.08 25.36
N ARG B 132 18.45 26.30 25.74
CA ARG B 132 17.87 27.52 25.18
C ARG B 132 16.36 27.55 25.31
N GLN B 133 15.85 27.13 26.47
CA GLN B 133 14.43 27.20 26.76
C GLN B 133 14.20 27.99 28.03
N ARG B 134 13.14 28.80 28.02
CA ARG B 134 12.82 29.71 29.11
C ARG B 134 11.96 29.02 30.15
N LEU B 135 11.97 29.57 31.36
CA LEU B 135 11.21 28.99 32.47
C LEU B 135 9.75 28.78 32.09
N GLU B 136 9.09 29.84 31.62
CA GLU B 136 7.65 29.76 31.42
C GLU B 136 7.27 28.83 30.28
N GLU B 137 8.14 28.66 29.28
CA GLU B 137 7.87 27.68 28.24
C GLU B 137 7.83 26.27 28.81
N ILE B 138 8.84 25.90 29.60
CA ILE B 138 8.85 24.61 30.26
C ILE B 138 7.60 24.47 31.14
N THR B 139 7.30 25.51 31.91
CA THR B 139 6.16 25.45 32.82
C THR B 139 4.86 25.18 32.05
N GLY B 140 4.63 25.94 30.97
CA GLY B 140 3.44 25.72 30.16
C GLY B 140 3.42 24.32 29.54
N HIS B 141 4.57 23.86 29.05
CA HIS B 141 4.64 22.52 28.48
C HIS B 141 4.21 21.48 29.49
N LEU B 142 4.78 21.53 30.69
CA LEU B 142 4.41 20.55 31.72
C LEU B 142 2.96 20.70 32.13
N HIS B 143 2.44 21.92 32.20
CA HIS B 143 1.02 22.12 32.50
C HIS B 143 0.15 21.43 31.45
N LYS B 144 0.43 21.69 30.17
CA LYS B 144 -0.30 21.03 29.10
C LYS B 144 -0.20 19.51 29.21
N ALA B 145 1.02 19.01 29.42
CA ALA B 145 1.20 17.58 29.60
C ALA B 145 0.30 17.05 30.71
N LYS B 146 0.24 17.77 31.84
CA LYS B 146 -0.64 17.37 32.93
C LYS B 146 -2.09 17.32 32.47
N GLN B 147 -2.52 18.37 31.75
CA GLN B 147 -3.86 18.39 31.20
C GLN B 147 -4.05 17.30 30.17
N LEU B 148 -3.05 17.07 29.33
CA LEU B 148 -3.13 16.06 28.27
C LEU B 148 -2.95 14.64 28.79
N GLY B 149 -2.51 14.47 30.04
CA GLY B 149 -2.34 13.14 30.61
C GLY B 149 -1.05 12.43 30.25
N LEU B 150 0.05 13.17 30.12
CA LEU B 150 1.38 12.60 29.90
C LEU B 150 2.03 12.33 31.25
N LYS B 151 1.58 11.25 31.89
CA LYS B 151 1.96 10.96 33.28
C LYS B 151 3.44 10.70 33.48
N ASN B 152 4.24 10.59 32.42
CA ASN B 152 5.66 10.31 32.53
C ASN B 152 6.46 11.30 31.69
N ILE B 153 7.40 12.00 32.33
CA ILE B 153 8.26 12.96 31.65
C ILE B 153 9.71 12.47 31.73
N MET B 154 10.33 12.30 30.57
CA MET B 154 11.75 11.95 30.47
C MET B 154 12.58 13.21 30.27
N ALA B 155 13.46 13.48 31.24
CA ALA B 155 14.18 14.74 31.32
C ALA B 155 15.57 14.59 30.71
N LEU B 156 15.86 15.40 29.68
CA LEU B 156 17.16 15.44 29.03
C LEU B 156 17.66 16.88 29.06
N ARG B 157 18.87 17.07 28.52
CA ARG B 157 19.45 18.39 28.39
C ARG B 157 19.39 18.92 26.96
N GLY B 158 19.34 18.05 25.96
CA GLY B 158 19.41 18.50 24.59
C GLY B 158 20.79 19.03 24.25
N ASP B 159 20.88 19.62 23.06
CA ASP B 159 22.12 20.21 22.57
C ASP B 159 21.83 21.58 21.99
N PRO B 160 22.74 22.56 22.20
CA PRO B 160 22.48 23.93 21.74
C PRO B 160 22.70 24.10 20.24
N GLY B 171 16.88 29.34 31.70
CA GLY B 171 17.35 29.21 33.07
C GLY B 171 17.67 27.78 33.45
N PHE B 172 18.06 26.97 32.46
CA PHE B 172 18.42 25.59 32.68
C PHE B 172 19.68 25.27 31.88
N ASN B 173 20.64 24.62 32.53
CA ASN B 173 21.88 24.23 31.86
C ASN B 173 22.06 22.72 31.80
N TYR B 174 21.95 22.03 32.94
CA TYR B 174 22.04 20.59 33.02
C TYR B 174 20.67 19.96 33.23
N ALA B 175 20.60 18.65 32.99
CA ALA B 175 19.37 17.91 33.19
C ALA B 175 18.92 17.92 34.64
N VAL B 176 19.84 18.12 35.58
CA VAL B 176 19.47 18.15 37.00
C VAL B 176 18.51 19.30 37.26
N ASP B 177 18.70 20.42 36.54
CA ASP B 177 17.85 21.58 36.75
C ASP B 177 16.40 21.29 36.37
N LEU B 178 16.19 20.53 35.29
CA LEU B 178 14.81 20.24 34.88
C LEU B 178 14.15 19.25 35.81
N VAL B 179 14.80 18.10 36.08
CA VAL B 179 14.25 17.20 37.08
C VAL B 179 13.88 17.95 38.36
N LYS B 180 14.74 18.89 38.78
CA LYS B 180 14.43 19.63 39.99
C LYS B 180 13.24 20.57 39.81
N HIS B 181 13.09 21.15 38.61
CA HIS B 181 11.93 22.01 38.36
C HIS B 181 10.64 21.21 38.40
N ILE B 182 10.66 20.00 37.82
CA ILE B 182 9.45 19.19 37.75
C ILE B 182 9.07 18.68 39.12
N ARG B 183 10.08 18.33 39.94
CA ARG B 183 9.82 17.83 41.27
C ARG B 183 9.33 18.94 42.20
N SER B 184 9.90 20.15 42.04
CA SER B 184 9.49 21.28 42.87
C SER B 184 8.06 21.70 42.60
N GLU B 185 7.70 21.88 41.33
CA GLU B 185 6.42 22.48 40.98
C GLU B 185 5.29 21.46 40.89
N PHE B 186 5.51 20.37 40.15
CA PHE B 186 4.47 19.39 39.88
C PHE B 186 4.51 18.21 40.84
N GLY B 187 5.31 18.28 41.90
CA GLY B 187 5.35 17.22 42.88
C GLY B 187 5.80 15.91 42.28
N ASP B 188 5.23 14.82 42.80
CA ASP B 188 5.57 13.47 42.37
C ASP B 188 4.54 12.89 41.40
N TYR B 189 3.79 13.74 40.71
CA TYR B 189 2.88 13.23 39.68
C TYR B 189 3.66 12.52 38.59
N PHE B 190 4.66 13.19 38.03
CA PHE B 190 5.38 12.66 36.87
C PHE B 190 6.46 11.68 37.30
N ASP B 191 6.54 10.57 36.57
CA ASP B 191 7.64 9.63 36.71
C ASP B 191 8.79 10.09 35.82
N ILE B 192 9.97 10.20 36.40
CA ILE B 192 11.13 10.77 35.71
C ILE B 192 12.19 9.68 35.59
N CYS B 193 12.59 9.41 34.35
CA CYS B 193 13.81 8.69 34.06
C CYS B 193 14.81 9.64 33.40
N VAL B 194 16.08 9.24 33.40
CA VAL B 194 17.15 10.07 32.88
C VAL B 194 18.09 9.22 32.04
N ALA B 195 18.74 9.87 31.09
CA ALA B 195 19.70 9.18 30.24
C ALA B 195 20.97 8.84 31.01
N GLY B 196 21.51 7.64 30.72
CA GLY B 196 22.84 7.30 31.16
C GLY B 196 23.66 6.82 29.99
N TYR B 197 24.98 6.91 30.13
CA TYR B 197 25.90 6.62 29.04
C TYR B 197 26.89 5.54 29.46
N PRO B 198 26.85 4.34 28.87
CA PRO B 198 27.69 3.24 29.37
C PRO B 198 29.18 3.51 29.23
N LYS B 199 29.58 4.37 28.30
CA LYS B 199 30.98 4.68 28.06
C LYS B 199 31.38 6.08 28.47
N GLY B 200 30.42 6.98 28.64
CA GLY B 200 30.70 8.35 29.06
C GLY B 200 30.17 9.32 28.01
N HIS B 201 29.50 10.36 28.49
CA HIS B 201 28.97 11.37 27.58
C HIS B 201 30.12 11.99 26.79
N PRO B 202 29.99 12.13 25.46
CA PRO B 202 31.11 12.64 24.64
C PRO B 202 31.87 13.82 25.25
N GLU B 203 31.16 14.83 25.74
CA GLU B 203 31.79 16.07 26.18
C GLU B 203 32.11 16.10 27.67
N ALA B 204 31.84 15.02 28.40
CA ALA B 204 32.20 14.99 29.81
C ALA B 204 33.72 15.00 29.97
N GLY B 205 34.17 15.52 31.12
CA GLY B 205 35.60 15.55 31.40
C GLY B 205 36.19 14.16 31.50
N SER B 206 35.45 13.24 32.11
CA SER B 206 35.91 11.87 32.31
C SER B 206 34.70 11.00 32.58
N PHE B 207 34.92 9.69 32.62
CA PHE B 207 33.82 8.77 32.92
C PHE B 207 33.46 8.78 34.41
N GLU B 208 34.42 9.13 35.27
CA GLU B 208 34.15 9.12 36.71
C GLU B 208 33.40 10.37 37.14
N ALA B 209 33.79 11.53 36.62
CA ALA B 209 33.03 12.75 36.92
C ALA B 209 31.67 12.71 36.26
N ASP B 210 31.57 12.10 35.08
CA ASP B 210 30.26 11.90 34.47
C ASP B 210 29.38 10.99 35.31
N LEU B 211 29.96 9.92 35.86
CA LEU B 211 29.20 9.08 36.78
C LEU B 211 28.77 9.84 38.03
N LYS B 212 29.66 10.67 38.58
CA LYS B 212 29.30 11.49 39.73
C LYS B 212 28.11 12.40 39.41
N HIS B 213 28.15 13.06 38.25
CA HIS B 213 27.05 13.92 37.86
C HIS B 213 25.77 13.13 37.63
N LEU B 214 25.89 11.91 37.11
CA LEU B 214 24.73 11.04 36.96
C LEU B 214 24.13 10.73 38.32
N LYS B 215 24.96 10.35 39.29
CA LYS B 215 24.51 10.17 40.66
C LYS B 215 23.76 11.39 41.16
N GLU B 216 24.34 12.58 40.97
CA GLU B 216 23.70 13.81 41.41
C GLU B 216 22.30 13.93 40.82
N LYS B 217 22.21 13.75 39.50
CA LYS B 217 20.91 13.84 38.83
C LYS B 217 19.91 12.85 39.43
N VAL B 218 20.29 11.57 39.51
CA VAL B 218 19.30 10.58 39.96
C VAL B 218 18.94 10.84 41.41
N SER B 219 19.84 11.45 42.17
CA SER B 219 19.56 11.70 43.58
C SER B 219 18.56 12.84 43.72
N ALA B 220 18.66 13.85 42.86
CA ALA B 220 17.69 14.94 42.90
C ALA B 220 16.27 14.42 42.68
N GLY B 221 16.05 13.71 41.58
CA GLY B 221 14.76 13.12 41.29
C GLY B 221 14.88 11.78 40.59
N ALA B 222 14.23 11.67 39.44
CA ALA B 222 14.34 10.50 38.57
C ALA B 222 13.83 9.22 39.22
N ASP B 223 13.63 8.18 38.41
CA ASP B 223 13.16 6.88 38.88
C ASP B 223 13.88 5.70 38.22
N PHE B 224 14.43 5.84 37.03
CA PHE B 224 15.25 4.82 36.41
C PHE B 224 16.06 5.47 35.29
N ILE B 225 17.13 4.80 34.88
CA ILE B 225 18.07 5.32 33.89
C ILE B 225 17.95 4.50 32.61
N ILE B 226 17.75 5.19 31.49
CA ILE B 226 17.78 4.59 30.17
C ILE B 226 19.17 4.78 29.59
N THR B 227 19.79 3.70 29.14
CA THR B 227 21.20 3.69 28.76
C THR B 227 21.35 3.69 27.24
N GLN B 228 22.20 4.59 26.74
CA GLN B 228 22.39 4.71 25.30
C GLN B 228 22.83 3.39 24.69
N LEU B 229 22.51 3.20 23.41
CA LEU B 229 22.85 1.98 22.70
C LEU B 229 24.32 1.60 22.94
N PHE B 230 24.56 0.28 23.00
CA PHE B 230 25.91 -0.26 23.11
C PHE B 230 25.98 -1.52 22.27
N PHE B 231 27.20 -1.86 21.83
CA PHE B 231 27.41 -3.00 20.96
C PHE B 231 27.83 -4.27 21.68
N GLU B 232 28.26 -4.17 22.93
CA GLU B 232 28.71 -5.33 23.69
C GLU B 232 28.18 -5.25 25.11
N ALA B 233 27.64 -6.37 25.59
CA ALA B 233 27.04 -6.39 26.92
C ALA B 233 28.07 -6.13 28.01
N ASP B 234 29.33 -6.50 27.76
CA ASP B 234 30.36 -6.35 28.78
C ASP B 234 30.45 -4.90 29.27
N THR B 235 30.41 -3.94 28.35
CA THR B 235 30.49 -2.54 28.75
C THR B 235 29.29 -2.14 29.59
N PHE B 236 28.10 -2.61 29.23
CA PHE B 236 26.92 -2.32 30.05
C PHE B 236 27.07 -2.90 31.45
N PHE B 237 27.59 -4.13 31.56
CA PHE B 237 27.85 -4.70 32.88
C PHE B 237 28.85 -3.83 33.65
N ARG B 238 29.90 -3.36 32.98
CA ARG B 238 30.86 -2.47 33.63
C ARG B 238 30.16 -1.24 34.18
N PHE B 239 29.31 -0.62 33.36
CA PHE B 239 28.57 0.56 33.78
C PHE B 239 27.68 0.26 34.98
N VAL B 240 26.95 -0.86 34.92
CA VAL B 240 26.06 -1.24 36.02
C VAL B 240 26.85 -1.39 37.30
N LYS B 241 27.99 -2.08 37.24
CA LYS B 241 28.82 -2.27 38.43
C LYS B 241 29.30 -0.92 38.97
N ALA B 242 29.81 -0.07 38.08
CA ALA B 242 30.29 1.24 38.51
C ALA B 242 29.19 2.00 39.23
N CYS B 243 28.00 2.09 38.61
CA CYS B 243 26.87 2.73 39.27
C CYS B 243 26.56 2.08 40.61
N THR B 244 26.63 0.75 40.67
CA THR B 244 26.35 0.05 41.92
C THR B 244 27.29 0.50 43.03
N ASP B 245 28.58 0.66 42.71
CA ASP B 245 29.53 1.12 43.71
C ASP B 245 29.09 2.45 44.32
N MET B 246 28.68 3.38 43.46
CA MET B 246 28.07 4.63 43.93
C MET B 246 26.72 4.41 44.59
N GLY B 247 26.15 3.22 44.48
CA GLY B 247 24.83 2.94 45.04
C GLY B 247 23.69 3.62 44.32
N ILE B 248 23.72 3.64 42.99
CA ILE B 248 22.56 4.04 42.21
C ILE B 248 21.51 2.95 42.34
N THR B 249 20.45 3.23 43.11
CA THR B 249 19.44 2.20 43.38
C THR B 249 18.41 2.08 42.26
N CYS B 250 18.19 3.14 41.48
CA CYS B 250 17.19 3.09 40.43
C CYS B 250 17.63 2.11 39.34
N PRO B 251 16.69 1.34 38.77
CA PRO B 251 17.06 0.38 37.73
C PRO B 251 17.59 1.07 36.48
N ILE B 252 18.52 0.38 35.82
CA ILE B 252 19.16 0.87 34.60
C ILE B 252 18.72 -0.02 33.44
N VAL B 253 18.18 0.61 32.40
CA VAL B 253 17.54 -0.08 31.28
C VAL B 253 18.45 0.03 30.06
N PRO B 254 18.94 -1.08 29.50
CA PRO B 254 19.90 -0.99 28.38
C PRO B 254 19.21 -0.65 27.07
N GLY B 255 19.80 0.29 26.33
CA GLY B 255 19.28 0.68 25.03
C GLY B 255 19.76 -0.28 23.95
N ILE B 256 18.82 -0.82 23.18
CA ILE B 256 19.12 -1.71 22.07
C ILE B 256 18.81 -0.99 20.77
N PHE B 257 19.82 -0.84 19.92
CA PHE B 257 19.67 -0.25 18.59
C PHE B 257 19.80 -1.35 17.53
N PRO B 258 18.71 -1.81 16.92
CA PRO B 258 18.84 -2.71 15.77
C PRO B 258 19.30 -1.96 14.53
N ILE B 259 20.43 -2.38 13.97
CA ILE B 259 20.88 -1.87 12.67
C ILE B 259 19.87 -2.30 11.61
N GLN B 260 19.28 -1.32 10.93
CA GLN B 260 18.22 -1.56 9.94
C GLN B 260 18.57 -0.78 8.68
N GLY B 261 19.32 -1.41 7.78
CA GLY B 261 19.71 -0.77 6.54
C GLY B 261 21.04 -0.03 6.65
N TYR B 262 21.61 0.25 5.48
CA TYR B 262 22.94 0.87 5.44
C TYR B 262 22.92 2.27 6.06
N HIS B 263 21.84 3.02 5.84
CA HIS B 263 21.80 4.40 6.31
C HIS B 263 22.09 4.50 7.80
N SER B 264 21.45 3.65 8.59
CA SER B 264 21.70 3.65 10.04
C SER B 264 23.16 3.40 10.35
N LEU B 265 23.74 2.34 9.77
CA LEU B 265 25.15 2.04 10.00
C LEU B 265 26.04 3.22 9.61
N ARG B 266 25.83 3.78 8.42
CA ARG B 266 26.71 4.85 7.95
C ARG B 266 26.68 6.05 8.89
N GLN B 267 25.49 6.42 9.35
CA GLN B 267 25.39 7.50 10.34
C GLN B 267 26.06 7.09 11.64
N LEU B 268 25.77 5.88 12.11
CA LEU B 268 26.22 5.45 13.43
C LEU B 268 27.75 5.39 13.51
N VAL B 269 28.40 4.93 12.43
CA VAL B 269 29.85 4.79 12.45
C VAL B 269 30.53 6.13 12.71
N LYS B 270 29.92 7.22 12.27
CA LYS B 270 30.52 8.54 12.50
C LYS B 270 30.70 8.82 13.99
N LEU B 271 29.70 8.46 14.80
CA LEU B 271 29.80 8.68 16.25
C LEU B 271 31.00 7.92 16.80
N SER B 272 32.04 8.66 17.19
CA SER B 272 33.31 8.05 17.57
C SER B 272 33.17 7.20 18.83
N LYS B 273 32.68 7.80 19.92
CA LYS B 273 32.71 7.11 21.22
C LYS B 273 32.02 5.77 21.17
N LEU B 274 31.01 5.61 20.31
CA LEU B 274 30.33 4.32 20.22
C LEU B 274 31.27 3.22 19.74
N GLU B 275 32.24 3.55 18.90
CA GLU B 275 33.27 2.61 18.47
C GLU B 275 32.65 1.32 17.92
N VAL B 276 32.05 1.45 16.74
CA VAL B 276 31.40 0.33 16.07
C VAL B 276 32.45 -0.75 15.83
N PRO B 277 32.27 -1.96 16.37
CA PRO B 277 33.25 -3.02 16.14
C PRO B 277 33.57 -3.24 14.66
N GLN B 278 34.83 -3.59 14.40
CA GLN B 278 35.28 -3.84 13.03
C GLN B 278 34.39 -4.87 12.33
N GLU B 279 34.00 -5.93 13.05
CA GLU B 279 33.24 -7.02 12.45
C GLU B 279 32.00 -6.52 11.72
N ILE B 280 31.22 -5.64 12.35
CA ILE B 280 29.98 -5.19 11.74
C ILE B 280 30.24 -4.51 10.40
N LYS B 281 31.17 -3.55 10.39
CA LYS B 281 31.50 -2.87 9.14
C LYS B 281 31.99 -3.85 8.09
N ASP B 282 32.92 -4.73 8.47
CA ASP B 282 33.48 -5.67 7.50
C ASP B 282 32.38 -6.52 6.88
N VAL B 283 31.56 -7.15 7.72
CA VAL B 283 30.52 -8.05 7.21
C VAL B 283 29.54 -7.27 6.33
N ILE B 284 29.10 -6.10 6.79
CA ILE B 284 28.11 -5.34 6.04
C ILE B 284 28.64 -4.92 4.68
N GLU B 285 29.91 -4.49 4.61
CA GLU B 285 30.39 -3.78 3.43
C GLU B 285 30.06 -4.50 2.12
N PRO B 286 30.35 -5.79 1.93
CA PRO B 286 29.87 -6.45 0.70
C PRO B 286 28.36 -6.41 0.56
N ILE B 287 27.64 -6.67 1.65
CA ILE B 287 26.19 -6.64 1.64
C ILE B 287 25.63 -5.24 1.45
N LYS B 288 26.45 -4.21 1.67
CA LYS B 288 25.97 -2.84 1.86
C LYS B 288 24.76 -2.49 1.00
N ASP B 289 24.80 -2.82 -0.29
CA ASP B 289 23.71 -2.43 -1.18
C ASP B 289 22.41 -3.12 -0.82
N ASN B 290 22.46 -4.40 -0.44
CA ASN B 290 21.25 -5.18 -0.15
C ASN B 290 20.80 -4.93 1.29
N ASP B 291 19.94 -3.92 1.47
CA ASP B 291 19.53 -3.54 2.82
C ASP B 291 18.88 -4.71 3.55
N ALA B 292 17.99 -5.44 2.88
CA ALA B 292 17.30 -6.55 3.53
C ALA B 292 18.29 -7.46 4.25
N ALA B 293 19.39 -7.81 3.59
CA ALA B 293 20.43 -8.61 4.23
C ALA B 293 21.01 -7.87 5.44
N ILE B 294 21.26 -6.57 5.30
CA ILE B 294 21.70 -5.77 6.44
C ILE B 294 20.74 -5.94 7.61
N ARG B 295 19.44 -5.82 7.35
CA ARG B 295 18.46 -5.96 8.41
C ARG B 295 18.54 -7.33 9.08
N ASN B 296 18.67 -8.40 8.28
CA ASN B 296 18.82 -9.73 8.85
C ASN B 296 20.03 -9.81 9.78
N TYR B 297 21.19 -9.33 9.31
CA TYR B 297 22.38 -9.33 10.16
C TYR B 297 22.14 -8.53 11.44
N GLY B 298 21.52 -7.37 11.33
CA GLY B 298 21.23 -6.58 12.52
C GLY B 298 20.33 -7.33 13.49
N ILE B 299 19.35 -8.06 12.97
CA ILE B 299 18.49 -8.88 13.82
C ILE B 299 19.33 -9.94 14.53
N GLU B 300 20.23 -10.59 13.80
CA GLU B 300 21.08 -11.62 14.42
C GLU B 300 21.94 -11.01 15.53
N LEU B 301 22.56 -9.86 15.26
CA LEU B 301 23.38 -9.21 16.27
C LEU B 301 22.54 -8.85 17.50
N ALA B 302 21.37 -8.25 17.27
CA ALA B 302 20.50 -7.86 18.39
C ALA B 302 20.12 -9.07 19.23
N VAL B 303 19.72 -10.17 18.58
CA VAL B 303 19.32 -11.36 19.33
C VAL B 303 20.48 -11.86 20.18
N SER B 304 21.68 -11.93 19.59
CA SER B 304 22.85 -12.37 20.35
C SER B 304 23.08 -11.47 21.56
N LEU B 305 23.14 -10.16 21.32
CA LEU B 305 23.41 -9.22 22.41
C LEU B 305 22.34 -9.31 23.49
N CYS B 306 21.06 -9.33 23.08
CA CYS B 306 19.97 -9.39 24.05
C CYS B 306 20.00 -10.70 24.83
N GLN B 307 20.29 -11.82 24.17
CA GLN B 307 20.42 -13.08 24.89
C GLN B 307 21.53 -13.00 25.92
N GLU B 308 22.67 -12.42 25.56
CA GLU B 308 23.78 -12.31 26.51
C GLU B 308 23.40 -11.44 27.70
N LEU B 309 22.68 -10.35 27.45
CA LEU B 309 22.23 -9.48 28.53
C LEU B 309 21.27 -10.22 29.47
N LEU B 310 20.15 -10.71 28.93
CA LEU B 310 19.14 -11.34 29.77
C LEU B 310 19.67 -12.58 30.48
N ALA B 311 20.72 -13.21 29.94
CA ALA B 311 21.34 -14.33 30.65
C ALA B 311 21.77 -13.94 32.05
N SER B 312 22.15 -12.68 32.25
CA SER B 312 22.75 -12.27 33.52
C SER B 312 21.71 -11.96 34.57
N GLY B 313 20.52 -11.51 34.17
CA GLY B 313 19.47 -11.16 35.10
C GLY B 313 19.58 -9.79 35.72
N LEU B 314 20.70 -9.09 35.51
CA LEU B 314 20.84 -7.71 35.99
C LEU B 314 20.06 -6.72 35.14
N VAL B 315 19.43 -7.15 34.05
CA VAL B 315 18.72 -6.27 33.14
C VAL B 315 17.22 -6.40 33.42
N PRO B 316 16.55 -5.37 33.91
CA PRO B 316 15.09 -5.46 34.06
C PRO B 316 14.36 -5.60 32.73
N GLY B 317 14.80 -4.91 31.70
CA GLY B 317 14.07 -4.88 30.44
C GLY B 317 14.85 -4.22 29.32
N LEU B 318 14.56 -4.57 28.08
CA LEU B 318 15.28 -4.08 26.92
C LEU B 318 14.53 -2.91 26.29
N HIS B 319 15.27 -1.84 25.98
CA HIS B 319 14.71 -0.63 25.39
C HIS B 319 15.14 -0.56 23.92
N PHE B 320 14.20 -0.79 23.01
CA PHE B 320 14.48 -0.86 21.58
C PHE B 320 14.15 0.46 20.90
N TYR B 321 15.14 1.03 20.21
CA TYR B 321 14.91 2.17 19.32
C TYR B 321 14.31 1.64 18.02
N THR B 322 13.01 1.85 17.83
CA THR B 322 12.32 1.32 16.66
C THR B 322 12.62 2.08 15.38
N LEU B 323 12.91 3.38 15.48
CA LEU B 323 12.97 4.25 14.30
C LEU B 323 11.68 4.17 13.49
N ASN B 324 10.57 3.90 14.17
CA ASN B 324 9.26 3.79 13.52
C ASN B 324 9.21 2.65 12.51
N ARG B 325 10.01 1.61 12.73
CA ARG B 325 10.01 0.41 11.89
C ARG B 325 9.89 -0.80 12.78
N GLU B 326 8.83 -1.57 12.59
CA GLU B 326 8.47 -2.64 13.52
C GLU B 326 9.14 -3.98 13.19
N MET B 327 9.01 -4.44 11.95
CA MET B 327 9.39 -5.81 11.59
C MET B 327 10.71 -6.23 12.25
N ALA B 328 11.73 -5.37 12.21
CA ALA B 328 13.02 -5.73 12.78
C ALA B 328 12.89 -6.00 14.27
N THR B 329 12.36 -5.02 15.01
CA THR B 329 12.18 -5.18 16.44
C THR B 329 11.26 -6.36 16.78
N THR B 330 10.18 -6.50 16.02
CA THR B 330 9.25 -7.61 16.25
C THR B 330 9.95 -8.95 16.08
N GLU B 331 10.74 -9.09 15.02
CA GLU B 331 11.49 -10.32 14.80
C GLU B 331 12.47 -10.58 15.94
N VAL B 332 13.17 -9.53 16.38
CA VAL B 332 14.11 -9.71 17.48
C VAL B 332 13.39 -10.20 18.73
N LEU B 333 12.29 -9.55 19.08
CA LEU B 333 11.52 -9.95 20.26
C LEU B 333 11.02 -11.38 20.14
N LYS B 334 10.53 -11.76 18.96
CA LYS B 334 10.05 -13.12 18.76
C LYS B 334 11.19 -14.12 18.92
N ARG B 335 12.39 -13.77 18.47
CA ARG B 335 13.53 -14.64 18.65
C ARG B 335 13.86 -14.84 20.12
N LEU B 336 13.86 -13.75 20.90
CA LEU B 336 14.05 -13.88 22.34
C LEU B 336 12.87 -14.60 22.98
N GLY B 337 11.69 -14.48 22.42
CA GLY B 337 10.49 -15.09 22.97
C GLY B 337 9.71 -14.24 23.95
N MET B 338 10.09 -12.98 24.14
CA MET B 338 9.34 -12.10 25.02
C MET B 338 8.04 -11.60 24.39
N TRP B 339 7.91 -11.69 23.06
CA TRP B 339 6.70 -11.21 22.40
C TRP B 339 5.50 -12.01 22.88
N THR B 340 4.49 -11.32 23.38
CA THR B 340 3.38 -11.98 24.05
C THR B 340 2.49 -12.74 23.07
N GLU B 341 2.40 -12.28 21.82
CA GLU B 341 1.43 -12.81 20.87
C GLU B 341 0.02 -12.73 21.46
N GLU B 380 1.33 -0.81 5.13
CA GLU B 380 1.91 -0.61 3.81
C GLU B 380 3.20 -1.40 3.63
N TRP B 381 3.81 -1.82 4.74
CA TRP B 381 5.10 -2.51 4.78
C TRP B 381 6.28 -1.62 4.39
N ASP B 382 6.15 -0.31 4.52
CA ASP B 382 7.26 0.60 4.22
C ASP B 382 8.26 0.55 5.36
N GLU B 383 9.32 -0.23 5.18
CA GLU B 383 10.36 -0.39 6.20
C GLU B 383 11.74 0.03 5.69
N PHE B 384 11.80 0.72 4.55
CA PHE B 384 13.07 1.12 3.93
C PHE B 384 12.94 2.60 3.58
N PRO B 385 13.07 3.48 4.56
CA PRO B 385 12.75 4.90 4.35
C PRO B 385 13.45 5.56 3.18
N ASN B 386 14.71 5.23 2.92
CA ASN B 386 15.48 5.90 1.87
C ASN B 386 15.46 7.42 2.10
N GLY B 387 15.89 7.81 3.28
CA GLY B 387 15.95 9.22 3.67
C GLY B 387 14.72 10.01 3.28
N ARG B 388 14.92 11.24 2.80
CA ARG B 388 13.82 12.13 2.46
C ARG B 388 13.23 11.85 1.08
N TRP B 389 13.64 10.77 0.43
CA TRP B 389 13.16 10.42 -0.90
C TRP B 389 12.04 9.39 -0.90
N GLY B 390 12.11 8.39 -0.02
CA GLY B 390 11.11 7.35 0.02
C GLY B 390 9.72 7.85 0.31
N ASN B 391 8.79 6.94 0.57
CA ASN B 391 7.38 7.31 0.70
C ASN B 391 7.18 8.23 1.91
N SER B 392 6.67 9.43 1.64
CA SER B 392 6.43 10.39 2.71
C SER B 392 5.46 9.84 3.75
N SER B 393 4.39 9.17 3.30
CA SER B 393 3.37 8.69 4.21
C SER B 393 3.91 7.69 5.23
N SER B 394 5.05 7.07 4.94
CA SER B 394 5.64 6.14 5.89
C SER B 394 5.96 6.87 7.19
N PRO B 395 5.60 6.31 8.36
CA PRO B 395 6.01 6.95 9.62
C PRO B 395 7.52 7.06 9.77
N ALA B 396 8.27 6.17 9.13
CA ALA B 396 9.73 6.19 9.21
C ALA B 396 10.37 7.19 8.25
N PHE B 397 9.57 7.96 7.52
CA PHE B 397 10.13 8.93 6.58
C PHE B 397 10.97 9.96 7.32
N GLY B 398 12.08 10.35 6.71
CA GLY B 398 12.94 11.37 7.29
C GLY B 398 14.41 11.02 7.28
N GLU B 399 15.26 12.00 7.01
CA GLU B 399 16.69 11.78 7.06
C GLU B 399 17.11 11.41 8.47
N LEU B 400 17.96 10.39 8.60
CA LEU B 400 18.40 9.96 9.92
C LEU B 400 19.18 11.06 10.64
N LYS B 401 19.86 11.94 9.90
CA LYS B 401 20.61 13.00 10.54
C LYS B 401 19.73 13.91 11.38
N ASP B 402 18.41 13.90 11.15
CA ASP B 402 17.50 14.66 11.99
C ASP B 402 17.21 13.97 13.31
N TYR B 403 17.44 12.66 13.38
CA TYR B 403 17.27 11.94 14.64
C TYR B 403 18.24 12.48 15.67
N TYR B 404 17.74 12.66 16.91
CA TYR B 404 18.54 13.28 17.96
C TYR B 404 19.90 12.61 18.10
N LEU B 405 19.99 11.31 17.79
CA LEU B 405 21.24 10.59 18.00
C LEU B 405 22.31 11.05 17.02
N PHE B 406 21.94 11.40 15.80
CA PHE B 406 22.86 11.88 14.78
C PHE B 406 22.51 13.30 14.35
N TYR B 407 22.07 14.13 15.29
CA TYR B 407 21.75 15.53 15.00
C TYR B 407 22.98 16.40 15.15
N LEU B 408 23.62 16.73 14.03
CA LEU B 408 24.74 17.66 13.96
C LEU B 408 26.01 17.15 14.62
N LYS B 409 26.10 15.85 14.91
CA LYS B 409 27.34 15.32 15.48
C LYS B 409 28.53 15.60 14.57
N SER B 410 28.30 15.71 13.26
CA SER B 410 29.34 16.11 12.32
C SER B 410 29.58 17.60 12.50
N LYS B 411 30.39 17.92 13.52
CA LYS B 411 30.61 19.30 13.93
C LYS B 411 30.79 20.24 12.74
N SER B 412 31.69 19.90 11.82
CA SER B 412 31.93 20.76 10.66
C SER B 412 32.31 22.16 11.12
N PRO B 413 33.52 22.35 11.67
CA PRO B 413 33.89 23.66 12.22
C PRO B 413 33.61 24.80 11.25
N LYS B 414 33.17 25.93 11.80
CA LYS B 414 32.77 27.07 10.98
C LYS B 414 33.97 27.72 10.29
N GLU B 415 35.16 27.65 10.89
CA GLU B 415 36.32 28.25 10.24
C GLU B 415 36.68 27.49 8.96
N GLU B 416 36.50 26.17 8.95
CA GLU B 416 36.83 25.39 7.77
C GLU B 416 35.77 25.61 6.69
N LEU B 417 34.50 25.73 7.08
CA LEU B 417 33.46 26.11 6.13
C LEU B 417 33.77 27.47 5.51
N LEU B 418 34.21 28.42 6.33
CA LEU B 418 34.53 29.75 5.81
C LEU B 418 35.70 29.68 4.83
N LYS B 419 36.74 28.91 5.15
CA LYS B 419 37.89 28.83 4.25
C LYS B 419 37.56 28.05 2.99
N MET B 420 36.62 27.12 3.06
CA MET B 420 36.25 26.33 1.88
C MET B 420 35.49 27.19 0.88
N TRP B 421 34.35 27.73 1.30
CA TRP B 421 33.43 28.43 0.42
C TRP B 421 33.82 29.89 0.20
N GLY B 422 35.06 30.25 0.48
CA GLY B 422 35.51 31.62 0.29
C GLY B 422 35.28 32.49 1.52
N GLU B 423 36.32 33.20 1.94
CA GLU B 423 36.18 34.09 3.08
C GLU B 423 35.14 35.17 2.81
N GLU B 424 35.14 35.73 1.60
CA GLU B 424 34.17 36.73 1.20
C GLU B 424 33.82 36.54 -0.26
N LEU B 425 32.64 36.99 -0.64
CA LEU B 425 32.11 36.82 -1.99
C LEU B 425 31.96 38.18 -2.65
N THR B 426 32.44 38.28 -3.89
CA THR B 426 32.32 39.51 -4.67
C THR B 426 31.01 39.58 -5.44
N SER B 427 30.49 38.43 -5.88
CA SER B 427 29.24 38.38 -6.65
C SER B 427 28.78 36.93 -6.64
N GLU B 428 27.60 36.70 -7.22
CA GLU B 428 27.06 35.35 -7.30
C GLU B 428 28.00 34.40 -8.05
N ALA B 429 28.87 34.92 -8.92
CA ALA B 429 29.84 34.08 -9.59
C ALA B 429 30.66 33.29 -8.59
N SER B 430 30.95 33.88 -7.42
CA SER B 430 31.66 33.16 -6.38
C SER B 430 30.87 31.95 -5.90
N VAL B 431 29.56 32.11 -5.71
CA VAL B 431 28.73 30.99 -5.29
C VAL B 431 28.73 29.91 -6.36
N PHE B 432 28.64 30.31 -7.64
CA PHE B 432 28.69 29.33 -8.72
C PHE B 432 30.01 28.56 -8.69
N GLU B 433 31.11 29.26 -8.47
CA GLU B 433 32.42 28.59 -8.39
C GLU B 433 32.44 27.55 -7.28
N VAL B 434 31.93 27.90 -6.10
CA VAL B 434 31.91 26.94 -5.00
C VAL B 434 31.14 25.69 -5.39
N PHE B 435 29.97 25.87 -6.00
CA PHE B 435 29.17 24.72 -6.41
C PHE B 435 29.91 23.86 -7.42
N VAL B 436 30.65 24.49 -8.34
CA VAL B 436 31.38 23.75 -9.36
C VAL B 436 32.50 22.92 -8.73
N LEU B 437 33.31 23.53 -7.87
CA LEU B 437 34.41 22.79 -7.26
C LEU B 437 33.91 21.61 -6.43
N TYR B 438 32.76 21.74 -5.77
CA TYR B 438 32.27 20.61 -5.00
C TYR B 438 32.15 19.35 -5.86
N LEU B 439 31.83 19.51 -7.14
CA LEU B 439 31.69 18.37 -8.04
C LEU B 439 32.98 18.04 -8.78
N SER B 440 33.76 19.05 -9.16
CA SER B 440 34.98 18.77 -9.92
C SER B 440 36.08 18.24 -9.02
N GLY B 441 36.22 18.79 -7.82
CA GLY B 441 37.21 18.35 -6.86
C GLY B 441 38.54 19.07 -6.90
N GLU B 442 38.75 19.96 -7.87
CA GLU B 442 39.99 20.73 -7.89
C GLU B 442 40.02 21.69 -6.70
N PRO B 443 41.21 21.97 -6.16
CA PRO B 443 41.31 22.90 -5.03
C PRO B 443 40.90 24.31 -5.42
N ASN B 444 40.28 25.01 -4.48
CA ASN B 444 39.97 26.42 -4.66
C ASN B 444 41.25 27.20 -4.95
N ARG B 445 41.06 28.44 -5.43
CA ARG B 445 42.21 29.31 -5.65
C ARG B 445 43.09 29.39 -4.41
N ASN B 446 42.50 29.34 -3.23
CA ASN B 446 43.26 29.35 -1.98
C ASN B 446 43.84 28.00 -1.65
N GLY B 447 43.59 26.97 -2.47
CA GLY B 447 44.17 25.66 -2.28
C GLY B 447 43.31 24.68 -1.50
N HIS B 448 42.23 25.14 -0.87
CA HIS B 448 41.36 24.27 -0.10
C HIS B 448 40.27 23.68 -0.98
N LYS B 449 40.17 22.35 -0.98
CA LYS B 449 39.12 21.67 -1.72
C LYS B 449 37.77 21.84 -1.03
N VAL B 450 36.74 22.13 -1.82
CA VAL B 450 35.37 22.26 -1.33
C VAL B 450 34.82 20.84 -1.14
N THR B 451 34.80 20.36 0.10
CA THR B 451 34.41 18.99 0.37
C THR B 451 32.93 18.82 0.68
N CYS B 452 32.23 19.89 1.07
CA CYS B 452 30.85 19.76 1.51
C CYS B 452 30.07 21.00 1.08
N LEU B 453 28.75 20.87 1.10
CA LEU B 453 27.82 21.96 0.92
C LEU B 453 26.75 21.87 1.99
N PRO B 454 26.03 22.96 2.27
CA PRO B 454 25.04 22.93 3.35
C PRO B 454 24.02 21.80 3.22
N TRP B 455 23.64 21.46 1.99
CA TRP B 455 22.58 20.48 1.78
C TRP B 455 23.10 19.06 1.86
N ASN B 456 23.97 18.67 0.93
CA ASN B 456 24.47 17.30 0.86
C ASN B 456 25.73 17.18 1.72
N ASP B 457 25.62 16.46 2.84
CA ASP B 457 26.78 16.15 3.66
C ASP B 457 27.51 14.90 3.21
N GLU B 458 26.79 13.92 2.66
CA GLU B 458 27.41 12.65 2.30
C GLU B 458 28.29 12.82 1.06
N PRO B 459 29.36 12.04 0.94
CA PRO B 459 30.23 12.15 -0.23
C PRO B 459 29.48 11.88 -1.53
N LEU B 460 29.92 12.55 -2.59
CA LEU B 460 29.26 12.43 -3.88
C LEU B 460 29.34 11.00 -4.39
N ALA B 461 28.18 10.36 -4.55
CA ALA B 461 28.13 8.95 -4.87
C ALA B 461 28.76 8.69 -6.24
N ALA B 462 29.02 7.41 -6.51
CA ALA B 462 29.71 7.00 -7.72
C ALA B 462 28.80 6.92 -8.93
N GLU B 463 27.53 7.30 -8.79
CA GLU B 463 26.64 7.36 -9.96
C GLU B 463 26.77 8.68 -10.70
N THR B 464 27.20 9.74 -10.02
CA THR B 464 27.34 11.04 -10.67
C THR B 464 28.57 11.12 -11.55
N SER B 465 29.41 10.09 -11.57
CA SER B 465 30.47 10.01 -12.57
C SER B 465 29.90 9.94 -13.98
N LEU B 466 28.66 9.45 -14.12
CA LEU B 466 27.99 9.40 -15.40
C LEU B 466 27.39 10.74 -15.81
N LEU B 467 27.45 11.74 -14.94
CA LEU B 467 26.87 13.04 -15.21
C LEU B 467 27.84 14.19 -14.97
N LYS B 468 29.09 13.91 -14.58
CA LYS B 468 29.94 14.93 -14.02
C LYS B 468 30.16 16.09 -14.99
N GLU B 469 30.41 15.80 -16.27
CA GLU B 469 30.66 16.87 -17.23
C GLU B 469 29.45 17.77 -17.38
N GLU B 470 28.27 17.17 -17.57
CA GLU B 470 27.06 17.96 -17.70
C GLU B 470 26.74 18.73 -16.42
N LEU B 471 27.00 18.11 -15.26
CA LEU B 471 26.77 18.81 -14.00
C LEU B 471 27.68 20.02 -13.87
N LEU B 472 28.94 19.88 -14.27
CA LEU B 472 29.85 21.02 -14.28
C LEU B 472 29.33 22.09 -15.23
N ARG B 473 28.85 21.68 -16.40
CA ARG B 473 28.26 22.61 -17.35
C ARG B 473 27.14 23.42 -16.70
N VAL B 474 26.11 22.74 -16.19
CA VAL B 474 24.95 23.42 -15.66
C VAL B 474 25.32 24.31 -14.47
N ASN B 475 26.11 23.77 -13.54
CA ASN B 475 26.52 24.55 -12.37
C ASN B 475 27.29 25.80 -12.76
N ARG B 476 28.25 25.66 -13.69
CA ARG B 476 29.02 26.81 -14.13
C ARG B 476 28.11 27.91 -14.70
N GLN B 477 26.96 27.54 -15.25
CA GLN B 477 26.03 28.49 -15.84
C GLN B 477 24.86 28.83 -14.91
N GLY B 478 25.11 28.87 -13.60
CA GLY B 478 24.13 29.39 -12.66
C GLY B 478 23.00 28.45 -12.30
N ILE B 479 23.09 27.17 -12.65
CA ILE B 479 22.11 26.18 -12.28
C ILE B 479 22.74 25.32 -11.19
N LEU B 480 22.46 25.67 -9.94
CA LEU B 480 23.20 25.13 -8.79
C LEU B 480 22.52 23.83 -8.36
N THR B 481 23.03 22.72 -8.87
CA THR B 481 22.46 21.42 -8.55
C THR B 481 22.82 21.01 -7.12
N ILE B 482 21.82 20.49 -6.41
CA ILE B 482 22.01 19.93 -5.08
C ILE B 482 21.61 18.47 -5.03
N ASN B 483 21.20 17.88 -6.15
CA ASN B 483 20.91 16.45 -6.25
C ASN B 483 20.67 16.14 -7.72
N SER B 484 20.84 14.86 -8.07
CA SER B 484 20.66 14.42 -9.46
C SER B 484 20.85 12.91 -9.50
N GLN B 485 20.45 12.33 -10.64
CA GLN B 485 20.68 10.92 -10.91
C GLN B 485 20.48 10.69 -12.41
N PRO B 486 21.21 9.75 -13.01
CA PRO B 486 21.02 9.46 -14.43
C PRO B 486 19.87 8.48 -14.67
N ASN B 487 19.26 8.62 -15.85
CA ASN B 487 18.23 7.67 -16.26
C ASN B 487 18.89 6.38 -16.69
N ILE B 488 18.38 5.26 -16.18
CA ILE B 488 18.94 3.95 -16.43
C ILE B 488 17.85 2.99 -16.83
N ASN B 489 18.14 2.15 -17.82
CA ASN B 489 17.25 1.10 -18.27
C ASN B 489 17.50 -0.14 -17.41
N GLY B 490 17.11 -1.32 -17.87
CA GLY B 490 17.36 -2.50 -17.08
C GLY B 490 18.85 -2.73 -16.91
N LYS B 491 19.24 -3.05 -15.68
CA LYS B 491 20.62 -3.32 -15.34
C LYS B 491 20.61 -4.36 -14.23
N PRO B 492 21.48 -5.38 -14.30
CA PRO B 492 21.55 -6.33 -13.19
C PRO B 492 21.62 -5.62 -11.85
N SER B 493 20.97 -6.20 -10.85
CA SER B 493 21.02 -5.63 -9.51
C SER B 493 22.39 -5.77 -8.87
N SER B 494 23.26 -6.60 -9.43
CA SER B 494 24.62 -6.77 -8.93
C SER B 494 25.60 -5.74 -9.49
N ASP B 495 25.13 -4.82 -10.33
CA ASP B 495 26.03 -3.83 -10.90
C ASP B 495 26.70 -3.05 -9.77
N PRO B 496 28.04 -2.96 -9.76
CA PRO B 496 28.72 -2.31 -8.63
C PRO B 496 28.38 -0.84 -8.49
N ILE B 497 27.94 -0.18 -9.56
CA ILE B 497 27.72 1.26 -9.54
C ILE B 497 26.29 1.59 -9.13
N VAL B 498 25.31 0.96 -9.77
CA VAL B 498 23.91 1.33 -9.63
C VAL B 498 23.06 0.21 -9.07
N GLY B 499 23.65 -0.91 -8.70
CA GLY B 499 22.85 -2.03 -8.26
C GLY B 499 22.50 -1.98 -6.79
N TRP B 500 21.42 -2.66 -6.46
CA TRP B 500 20.89 -2.71 -5.10
C TRP B 500 19.84 -3.80 -5.06
N GLY B 501 19.44 -4.16 -3.84
CA GLY B 501 18.33 -5.07 -3.66
C GLY B 501 18.72 -6.51 -3.85
N PRO B 502 17.73 -7.41 -3.75
CA PRO B 502 18.00 -8.83 -3.96
C PRO B 502 18.72 -9.08 -5.28
N SER B 503 19.74 -9.93 -5.23
CA SER B 503 20.50 -10.27 -6.42
C SER B 503 19.58 -10.90 -7.48
N GLY B 504 20.02 -10.82 -8.73
CA GLY B 504 19.25 -11.37 -9.82
C GLY B 504 18.04 -10.56 -10.23
N GLY B 505 17.93 -9.31 -9.78
CA GLY B 505 16.91 -8.41 -10.23
C GLY B 505 17.39 -7.48 -11.32
N TYR B 506 16.48 -6.60 -11.75
CA TYR B 506 16.79 -5.54 -12.70
C TYR B 506 16.36 -4.21 -12.10
N VAL B 507 17.23 -3.21 -12.20
CA VAL B 507 17.04 -1.92 -11.54
C VAL B 507 16.91 -0.84 -12.61
N PHE B 508 16.00 0.10 -12.38
CA PHE B 508 15.67 1.15 -13.33
C PHE B 508 15.71 2.50 -12.61
N GLN B 509 16.06 3.53 -13.35
CA GLN B 509 16.11 4.88 -12.80
C GLN B 509 15.61 5.89 -13.83
N LYS B 510 14.98 6.94 -13.32
CA LYS B 510 14.57 8.10 -14.12
C LYS B 510 15.50 9.25 -13.79
N ALA B 511 15.98 9.95 -14.81
CA ALA B 511 16.86 11.09 -14.58
C ALA B 511 16.09 12.23 -13.92
N TYR B 512 16.74 12.91 -12.99
CA TYR B 512 16.12 14.05 -12.32
C TYR B 512 17.21 15.00 -11.87
N LEU B 513 16.81 16.23 -11.55
CA LEU B 513 17.75 17.31 -11.29
C LEU B 513 17.14 18.27 -10.30
N GLU B 514 17.70 18.35 -9.09
CA GLU B 514 17.35 19.35 -8.10
C GLU B 514 18.36 20.47 -8.14
N PHE B 515 17.89 21.71 -8.29
CA PHE B 515 18.81 22.83 -8.47
C PHE B 515 18.11 24.14 -8.16
N PHE B 516 18.89 25.08 -7.62
CA PHE B 516 18.46 26.46 -7.47
C PHE B 516 18.76 27.24 -8.74
N THR B 517 18.01 28.31 -8.96
CA THR B 517 18.22 29.16 -10.13
C THR B 517 17.78 30.58 -9.82
N SER B 518 18.34 31.52 -10.59
CA SER B 518 17.87 32.90 -10.58
C SER B 518 16.45 32.98 -11.10
N ARG B 519 15.70 33.98 -10.60
CA ARG B 519 14.33 34.16 -11.04
C ARG B 519 14.25 34.26 -12.55
N GLU B 520 15.21 34.95 -13.17
CA GLU B 520 15.23 35.06 -14.62
C GLU B 520 15.41 33.69 -15.28
N THR B 521 16.39 32.92 -14.82
CA THR B 521 16.57 31.56 -15.33
C THR B 521 15.33 30.71 -15.09
N ALA B 522 14.70 30.86 -13.94
CA ALA B 522 13.49 30.08 -13.65
C ALA B 522 12.40 30.36 -14.67
N GLU B 523 12.14 31.64 -14.98
CA GLU B 523 11.09 31.94 -15.95
C GLU B 523 11.46 31.42 -17.33
N ALA B 524 12.73 31.54 -17.73
CA ALA B 524 13.14 31.01 -19.02
C ALA B 524 12.96 29.50 -19.06
N LEU B 525 13.28 28.83 -17.96
CA LEU B 525 13.06 27.39 -17.86
C LEU B 525 11.59 27.03 -17.98
N LEU B 526 10.70 27.83 -17.36
CA LEU B 526 9.27 27.57 -17.47
C LEU B 526 8.81 27.65 -18.92
N GLN B 527 9.21 28.68 -19.64
CA GLN B 527 8.86 28.81 -21.06
C GLN B 527 9.34 27.62 -21.87
N VAL B 528 10.61 27.24 -21.69
CA VAL B 528 11.18 26.18 -22.51
C VAL B 528 10.46 24.86 -22.27
N LEU B 529 10.12 24.56 -21.03
CA LEU B 529 9.52 23.26 -20.71
C LEU B 529 8.25 23.00 -21.48
N LYS B 530 7.56 24.04 -21.95
CA LYS B 530 6.27 23.85 -22.61
C LYS B 530 6.34 22.78 -23.69
N LYS B 531 7.48 22.66 -24.37
CA LYS B 531 7.64 21.67 -25.43
C LYS B 531 8.09 20.31 -24.90
N TYR B 532 8.49 20.21 -23.62
CA TYR B 532 8.77 18.95 -22.98
C TYR B 532 7.72 18.57 -21.95
N GLU B 533 6.54 19.18 -22.02
CA GLU B 533 5.52 18.95 -20.98
C GLU B 533 5.20 17.48 -20.84
N LEU B 534 5.05 16.76 -21.96
CA LEU B 534 4.62 15.36 -21.88
C LEU B 534 5.61 14.51 -21.11
N ARG B 535 6.91 14.64 -21.42
CA ARG B 535 7.90 13.71 -20.89
C ARG B 535 8.65 14.23 -19.67
N VAL B 536 8.62 15.53 -19.38
CA VAL B 536 9.36 16.11 -18.27
C VAL B 536 8.37 16.59 -17.22
N ASN B 537 8.52 16.07 -16.00
CA ASN B 537 7.80 16.57 -14.84
C ASN B 537 8.71 17.55 -14.08
N TYR B 538 8.13 18.66 -13.64
CA TYR B 538 8.90 19.70 -12.96
C TYR B 538 8.13 20.26 -11.78
N HIS B 539 8.85 20.56 -10.70
CA HIS B 539 8.35 21.35 -9.59
C HIS B 539 9.26 22.56 -9.40
N LEU B 540 8.66 23.74 -9.27
CA LEU B 540 9.38 24.95 -8.92
C LEU B 540 8.68 25.61 -7.74
N VAL B 541 9.48 26.08 -6.78
CA VAL B 541 8.92 26.74 -5.61
C VAL B 541 9.91 27.79 -5.12
N ASN B 542 9.37 28.90 -4.63
CA ASN B 542 10.16 29.98 -4.05
C ASN B 542 10.06 29.94 -2.53
N VAL B 543 11.01 30.63 -1.87
CA VAL B 543 10.97 30.72 -0.42
C VAL B 543 9.69 31.40 0.05
N LYS B 544 9.12 32.27 -0.79
CA LYS B 544 7.85 32.90 -0.45
C LYS B 544 6.72 31.88 -0.38
N GLY B 545 6.90 30.69 -0.95
CA GLY B 545 5.89 29.67 -0.96
C GLY B 545 5.19 29.49 -2.29
N GLU B 546 5.32 30.45 -3.20
CA GLU B 546 4.74 30.30 -4.54
C GLU B 546 5.29 29.03 -5.19
N ASN B 547 4.40 28.20 -5.71
CA ASN B 547 4.75 26.89 -6.23
C ASN B 547 4.13 26.71 -7.60
N ILE B 548 4.92 26.21 -8.56
CA ILE B 548 4.46 25.90 -9.90
C ILE B 548 4.85 24.46 -10.22
N THR B 549 3.87 23.66 -10.63
CA THR B 549 4.12 22.25 -10.90
C THR B 549 3.09 21.73 -11.90
N ASN B 550 3.54 20.82 -12.76
CA ASN B 550 2.66 20.11 -13.68
C ASN B 550 2.36 18.69 -13.24
N ALA B 551 3.09 18.18 -12.24
CA ALA B 551 2.82 16.87 -11.70
C ALA B 551 1.48 16.86 -10.97
N PRO B 552 0.91 15.69 -10.71
CA PRO B 552 -0.35 15.63 -9.96
C PRO B 552 -0.20 16.22 -8.57
N GLU B 553 -1.30 16.78 -8.07
CA GLU B 553 -1.26 17.54 -6.82
C GLU B 553 -0.65 16.73 -5.68
N LEU B 554 -0.98 15.44 -5.60
CA LEU B 554 -0.52 14.64 -4.47
C LEU B 554 -0.05 13.24 -4.86
N GLN B 555 0.01 12.90 -6.15
CA GLN B 555 0.53 11.61 -6.54
C GLN B 555 2.05 11.64 -6.54
N PRO B 556 2.72 10.75 -5.79
CA PRO B 556 4.20 10.68 -5.86
C PRO B 556 4.68 10.06 -7.16
N ASN B 557 5.54 10.80 -7.86
CA ASN B 557 6.17 10.30 -9.09
C ASN B 557 7.28 9.32 -8.73
N ALA B 558 7.12 8.06 -9.13
CA ALA B 558 8.15 7.06 -8.89
C ALA B 558 9.34 7.30 -9.81
N VAL B 559 10.54 7.25 -9.24
CA VAL B 559 11.75 7.58 -9.98
C VAL B 559 12.78 6.46 -9.97
N THR B 560 12.74 5.54 -9.01
CA THR B 560 13.63 4.39 -8.99
C THR B 560 12.82 3.16 -8.59
N TRP B 561 13.03 2.06 -9.31
CA TRP B 561 12.32 0.82 -9.02
C TRP B 561 13.17 -0.34 -9.50
N GLY B 562 12.85 -1.52 -8.99
CA GLY B 562 13.59 -2.72 -9.32
C GLY B 562 12.67 -3.91 -9.48
N ILE B 563 13.06 -4.81 -10.39
CA ILE B 563 12.32 -6.03 -10.67
C ILE B 563 13.10 -7.19 -10.06
N PHE B 564 12.49 -7.88 -9.11
CA PHE B 564 13.18 -8.95 -8.41
C PHE B 564 12.34 -10.22 -8.43
N PRO B 565 12.98 -11.40 -8.42
CA PRO B 565 12.22 -12.65 -8.50
C PRO B 565 11.25 -12.80 -7.33
N GLY B 566 10.05 -13.28 -7.64
CA GLY B 566 9.09 -13.61 -6.60
C GLY B 566 8.81 -12.50 -5.62
N ARG B 567 8.75 -11.25 -6.09
CA ARG B 567 8.54 -10.13 -5.21
C ARG B 567 7.86 -9.00 -5.96
N GLU B 568 7.11 -8.19 -5.21
CA GLU B 568 6.48 -7.00 -5.78
C GLU B 568 7.55 -6.03 -6.28
N ILE B 569 7.09 -4.96 -6.92
CA ILE B 569 7.98 -3.94 -7.46
C ILE B 569 8.38 -3.02 -6.32
N ILE B 570 9.67 -2.94 -6.06
CA ILE B 570 10.20 -2.07 -5.01
C ILE B 570 10.43 -0.68 -5.58
N GLN B 571 10.13 0.34 -4.80
CA GLN B 571 10.22 1.74 -5.22
C GLN B 571 11.04 2.54 -4.22
N PRO B 572 12.36 2.36 -4.22
CA PRO B 572 13.18 3.05 -3.20
C PRO B 572 13.06 4.56 -3.23
N THR B 573 13.00 5.19 -4.41
CA THR B 573 13.14 6.64 -4.53
C THR B 573 11.88 7.20 -5.18
N VAL B 574 11.37 8.26 -4.59
CA VAL B 574 10.13 8.89 -5.03
C VAL B 574 10.31 10.40 -5.06
N VAL B 575 9.71 11.04 -6.05
CA VAL B 575 9.52 12.49 -6.05
C VAL B 575 8.05 12.75 -5.71
N ASP B 576 7.81 13.44 -4.60
CA ASP B 576 6.48 13.61 -4.06
C ASP B 576 6.27 15.08 -3.73
N PRO B 577 5.24 15.73 -4.25
CA PRO B 577 5.04 17.15 -3.93
C PRO B 577 4.96 17.42 -2.43
N VAL B 578 4.34 16.52 -1.67
CA VAL B 578 4.19 16.75 -0.23
C VAL B 578 5.55 16.78 0.45
N SER B 579 6.38 15.76 0.21
CA SER B 579 7.71 15.76 0.80
C SER B 579 8.55 16.92 0.28
N PHE B 580 8.49 17.17 -1.03
CA PHE B 580 9.24 18.26 -1.63
C PHE B 580 8.80 19.61 -1.10
N MET B 581 7.48 19.81 -0.96
CA MET B 581 6.97 21.14 -0.63
C MET B 581 7.49 21.65 0.72
N PHE B 582 7.49 20.81 1.76
CA PHE B 582 8.05 21.26 3.02
C PHE B 582 9.57 21.17 3.05
N TRP B 583 10.18 20.29 2.25
CA TRP B 583 11.64 20.25 2.18
C TRP B 583 12.21 21.60 1.80
N LYS B 584 11.46 22.40 1.03
CA LYS B 584 11.95 23.71 0.62
C LYS B 584 12.36 24.54 1.83
N ASP B 585 11.60 24.45 2.93
CA ASP B 585 11.90 25.28 4.08
C ASP B 585 13.28 24.97 4.62
N GLU B 586 13.63 23.69 4.73
CA GLU B 586 14.98 23.29 5.13
C GLU B 586 16.01 23.78 4.13
N ALA B 587 15.76 23.54 2.84
CA ALA B 587 16.76 23.87 1.83
C ALA B 587 17.05 25.36 1.80
N PHE B 588 16.01 26.19 1.82
CA PHE B 588 16.20 27.64 1.84
C PHE B 588 16.80 28.11 3.16
N ALA B 589 16.34 27.56 4.29
CA ALA B 589 16.89 27.97 5.58
C ALA B 589 18.39 27.73 5.61
N LEU B 590 18.86 26.66 4.96
CA LEU B 590 20.29 26.37 4.99
C LEU B 590 21.11 27.50 4.39
N TRP B 591 20.54 28.26 3.44
CA TRP B 591 21.30 29.34 2.81
C TRP B 591 21.75 30.36 3.85
N ILE B 592 20.81 30.85 4.68
CA ILE B 592 21.12 31.89 5.65
C ILE B 592 21.58 31.33 6.98
N GLU B 593 21.38 30.04 7.24
CA GLU B 593 21.76 29.44 8.50
C GLU B 593 23.19 28.91 8.48
N GLN B 594 23.56 28.16 7.44
CA GLN B 594 24.87 27.54 7.36
C GLN B 594 25.87 28.39 6.61
N TRP B 595 25.44 29.08 5.55
CA TRP B 595 26.32 29.93 4.76
C TRP B 595 26.29 31.39 5.21
N GLY B 596 25.09 31.94 5.42
CA GLY B 596 24.97 33.35 5.76
C GLY B 596 25.67 33.70 7.06
N LYS B 597 25.46 32.89 8.10
CA LYS B 597 26.02 33.20 9.41
C LYS B 597 27.53 33.35 9.37
N LEU B 598 28.20 32.66 8.44
CA LEU B 598 29.65 32.78 8.32
C LEU B 598 30.10 34.22 8.05
N TYR B 599 29.22 35.06 7.52
CA TYR B 599 29.55 36.44 7.20
C TYR B 599 28.80 37.37 8.15
N GLU B 600 29.37 38.56 8.36
CA GLU B 600 28.80 39.50 9.32
C GLU B 600 27.46 39.99 8.82
N GLU B 601 26.78 40.81 9.65
CA GLU B 601 25.43 41.24 9.31
C GLU B 601 25.44 42.31 8.23
N GLU B 602 26.45 43.17 8.21
CA GLU B 602 26.56 44.23 7.21
C GLU B 602 27.50 43.89 6.07
N SER B 603 28.21 42.76 6.13
CA SER B 603 29.18 42.43 5.10
C SER B 603 28.48 42.26 3.76
N PRO B 604 29.11 42.66 2.65
CA PRO B 604 28.49 42.41 1.33
C PRO B 604 28.21 40.95 1.07
N SER B 605 29.05 40.04 1.57
CA SER B 605 28.78 38.62 1.39
C SER B 605 27.41 38.25 1.96
N ARG B 606 27.07 38.78 3.12
CA ARG B 606 25.76 38.52 3.70
C ARG B 606 24.66 39.03 2.80
N THR B 607 24.85 40.21 2.21
CA THR B 607 23.85 40.73 1.27
C THR B 607 23.68 39.82 0.07
N ILE B 608 24.79 39.32 -0.48
CA ILE B 608 24.71 38.40 -1.61
C ILE B 608 23.92 37.15 -1.22
N ILE B 609 24.27 36.56 -0.07
CA ILE B 609 23.60 35.32 0.35
C ILE B 609 22.12 35.58 0.59
N GLN B 610 21.78 36.73 1.16
CA GLN B 610 20.38 37.07 1.38
C GLN B 610 19.64 37.24 0.07
N TYR B 611 20.26 37.92 -0.90
CA TYR B 611 19.68 38.05 -2.23
C TYR B 611 19.37 36.68 -2.82
N ILE B 612 20.35 35.77 -2.76
CA ILE B 612 20.14 34.43 -3.30
C ILE B 612 18.99 33.75 -2.57
N HIS B 613 19.01 33.78 -1.24
CA HIS B 613 17.98 33.11 -0.44
C HIS B 613 16.59 33.68 -0.74
N ASP B 614 16.49 34.96 -1.08
CA ASP B 614 15.19 35.57 -1.26
C ASP B 614 14.62 35.31 -2.65
N ASN B 615 15.45 35.40 -3.69
CA ASN B 615 14.98 35.39 -5.07
C ASN B 615 15.10 34.03 -5.76
N TYR B 616 16.16 33.28 -5.48
CA TYR B 616 16.39 32.04 -6.21
C TYR B 616 15.27 31.04 -5.95
N PHE B 617 14.81 30.41 -7.04
CA PHE B 617 13.83 29.35 -6.96
C PHE B 617 14.49 28.02 -6.59
N LEU B 618 13.71 27.12 -6.00
CA LEU B 618 14.09 25.73 -5.87
C LEU B 618 13.34 24.92 -6.93
N VAL B 619 14.07 24.14 -7.72
CA VAL B 619 13.52 23.45 -8.88
C VAL B 619 13.82 21.96 -8.78
N ASN B 620 12.92 21.16 -9.36
CA ASN B 620 13.07 19.71 -9.38
C ASN B 620 12.51 19.20 -10.69
N LEU B 621 13.37 18.70 -11.58
CA LEU B 621 12.96 18.19 -12.88
C LEU B 621 13.16 16.68 -12.91
N VAL B 622 12.25 15.98 -13.58
CA VAL B 622 12.34 14.53 -13.78
C VAL B 622 12.05 14.24 -15.24
N ASP B 623 12.87 13.36 -15.82
CA ASP B 623 12.68 12.89 -17.20
C ASP B 623 12.01 11.52 -17.16
N ASN B 624 10.81 11.43 -17.72
CA ASN B 624 10.03 10.20 -17.66
C ASN B 624 10.42 9.19 -18.73
N ASP B 625 11.02 9.63 -19.83
CA ASP B 625 11.38 8.74 -20.93
C ASP B 625 12.72 8.04 -20.63
N PHE B 626 12.70 7.23 -19.58
CA PHE B 626 13.93 6.60 -19.11
C PHE B 626 14.63 5.70 -20.12
N PRO B 627 13.98 5.08 -21.10
CA PRO B 627 14.72 4.27 -22.08
C PRO B 627 15.37 5.08 -23.20
N LEU B 628 15.38 6.40 -23.09
CA LEU B 628 15.97 7.28 -24.10
C LEU B 628 17.08 8.11 -23.46
N ASP B 629 17.81 8.83 -24.31
CA ASP B 629 18.87 9.69 -23.82
C ASP B 629 18.31 10.77 -22.90
N ASN B 630 19.10 11.13 -21.89
CA ASN B 630 18.68 12.08 -20.87
C ASN B 630 18.51 13.46 -21.51
N CYS B 631 17.27 13.95 -21.58
CA CYS B 631 17.00 15.24 -22.20
C CYS B 631 17.22 16.41 -21.25
N LEU B 632 17.41 16.16 -19.96
CA LEU B 632 17.55 17.25 -19.00
C LEU B 632 18.69 18.19 -19.41
N TRP B 633 19.80 17.62 -19.90
CA TRP B 633 20.87 18.46 -20.43
C TRP B 633 20.36 19.35 -21.55
N GLN B 634 19.61 18.77 -22.49
CA GLN B 634 19.11 19.53 -23.63
C GLN B 634 18.17 20.65 -23.19
N VAL B 635 17.23 20.35 -22.30
CA VAL B 635 16.27 21.36 -21.88
C VAL B 635 16.98 22.50 -21.16
N VAL B 636 17.96 22.18 -20.32
CA VAL B 636 18.76 23.21 -19.66
C VAL B 636 19.50 24.05 -20.70
N GLU B 637 20.07 23.39 -21.70
CA GLU B 637 20.81 24.11 -22.73
C GLU B 637 19.91 25.07 -23.49
N ASP B 638 18.69 24.64 -23.82
CA ASP B 638 17.78 25.54 -24.51
C ASP B 638 17.25 26.62 -23.58
N THR B 639 17.18 26.35 -22.27
CA THR B 639 16.86 27.39 -21.31
C THR B 639 17.91 28.48 -21.35
N LEU B 640 19.18 28.09 -21.32
CA LEU B 640 20.26 29.08 -21.41
C LEU B 640 20.23 29.82 -22.74
N GLU B 641 19.98 29.10 -23.84
CA GLU B 641 19.94 29.74 -25.14
C GLU B 641 18.82 30.77 -25.21
N LEU B 642 17.66 30.44 -24.65
CA LEU B 642 16.56 31.41 -24.60
C LEU B 642 16.96 32.62 -23.76
N LEU B 643 17.47 32.37 -22.56
CA LEU B 643 17.85 33.45 -21.67
C LEU B 643 18.98 34.30 -22.25
N ASN B 644 20.14 33.67 -22.49
CA ASN B 644 21.33 34.42 -22.86
C ASN B 644 21.09 35.39 -24.03
#